data_7MCH
#
_entry.id   7MCH
#
_cell.length_a   136.875
_cell.length_b   174.300
_cell.length_c   113.857
_cell.angle_alpha   90.000
_cell.angle_beta   90.000
_cell.angle_gamma   90.000
#
_symmetry.space_group_name_H-M   'C 2 2 21'
#
loop_
_entity.id
_entity.type
_entity.pdbx_description
1 polymer 'bilin lyase-isomerase'
2 water water
#
_entity_poly.entity_id   1
_entity_poly.type   'polypeptide(L)'
_entity_poly.pdbx_seq_one_letter_code
;(MSE)GSSHHHHHHSQDPNSSS(MSE)AERFDNLVEGLTEERA(MSE)AVILADPDSLERPVDKY(MSE)AATRLGASNS
EESLDVLIQAAELDPEHLFNRITRRKAIDALGRRKSPKALPSLFKALKCSDEAAVINSVEAITKIDAPLTEADHEKLLEA
LKGEDIQKRAVIQAFCRLGVPGVINSISPLQDDSNPLVAGAARAY(MSE)SKVALQPDGLEVLIPQLVDPIAGRRRSAVI
DLGDAGDVTRLEALVTAPVS(MSE)SLRARSAFQLVDPDKTCQVPEKYAELITQLLQDNPQQLKLRKEWICDIEPTEIEN
NLQHRDEARQYGGASSL(MSE)A(MSE)PKAER(MSE)ILINEIKEKLWSDYVTHYYLTAVVGLQGLEERSDLIRLALAE
TIPQYTKSRIAAAWGCLRLGLVDQKPLLEELSVSAFWLPLKWTCQRVLKQLS
;
_entity_poly.pdbx_strand_id   A,B
#
# COMPACT_ATOMS: atom_id res chain seq x y z
N ASP A 13 5.03 -4.69 20.13
CA ASP A 13 5.59 -3.57 20.87
C ASP A 13 7.12 -3.55 20.93
N PRO A 14 7.81 -3.52 19.77
CA PRO A 14 9.29 -3.53 19.84
C PRO A 14 9.88 -2.16 19.55
N ASN A 15 9.04 -1.21 19.15
CA ASN A 15 9.46 0.19 19.00
C ASN A 15 9.75 0.83 20.36
N SER A 16 9.28 0.24 21.44
CA SER A 16 9.51 0.76 22.77
C SER A 16 10.89 0.39 23.31
N SER A 17 11.50 -0.69 22.80
CA SER A 17 12.87 -1.04 23.18
C SER A 17 13.88 -0.50 22.17
N SER A 18 13.50 0.54 21.45
CA SER A 18 14.10 0.84 20.17
C SER A 18 14.53 2.30 20.11
N ALA A 20 15.92 2.82 17.24
CA ALA A 20 15.50 2.84 15.86
C ALA A 20 13.98 2.76 15.75
N GLU A 21 13.42 3.36 14.71
CA GLU A 21 11.98 3.51 14.63
C GLU A 21 11.46 2.78 13.38
N ARG A 22 10.65 1.76 13.61
CA ARG A 22 9.98 1.06 12.53
C ARG A 22 8.61 1.70 12.33
N PHE A 23 8.40 2.28 11.14
CA PHE A 23 7.15 2.95 10.80
C PHE A 23 6.23 2.05 9.99
N ASP A 24 5.06 1.75 10.53
CA ASP A 24 4.04 1.03 9.79
C ASP A 24 3.26 1.96 8.86
N ASN A 25 2.66 1.37 7.84
CA ASN A 25 1.80 2.11 6.93
C ASN A 25 0.38 1.58 7.10
N LEU A 26 -0.41 2.30 7.90
CA LEU A 26 -1.82 1.98 8.10
C LEU A 26 -2.64 2.84 7.14
N VAL A 27 -3.31 2.18 6.19
CA VAL A 27 -4.20 2.87 5.26
C VAL A 27 -5.62 2.40 5.55
N GLU A 28 -6.55 3.36 5.62
CA GLU A 28 -7.94 3.08 5.96
C GLU A 28 -8.64 2.58 4.70
N GLY A 29 -9.12 1.34 4.74
CA GLY A 29 -9.73 0.74 3.58
C GLY A 29 -11.17 1.15 3.41
N LEU A 30 -11.91 0.32 2.71
CA LEU A 30 -13.31 0.59 2.42
C LEU A 30 -14.17 -0.55 2.95
N THR A 31 -15.48 -0.33 2.97
CA THR A 31 -16.37 -1.45 3.16
C THR A 31 -16.48 -2.22 1.85
N GLU A 32 -17.28 -3.27 1.85
CA GLU A 32 -17.48 -4.06 0.64
C GLU A 32 -18.46 -3.39 -0.32
N GLU A 33 -19.55 -2.81 0.20
CA GLU A 33 -20.52 -2.16 -0.67
C GLU A 33 -19.94 -0.89 -1.27
N ARG A 34 -19.07 -0.20 -0.54
CA ARG A 34 -18.43 1.00 -1.07
C ARG A 34 -17.30 0.62 -2.03
N ALA A 35 -16.58 -0.46 -1.72
CA ALA A 35 -15.55 -0.92 -2.63
C ALA A 35 -16.12 -1.24 -4.00
N ALA A 37 -18.61 -0.20 -5.37
CA ALA A 37 -19.12 0.99 -6.03
C ALA A 37 -18.03 1.73 -6.78
N VAL A 38 -16.85 1.89 -6.19
CA VAL A 38 -15.83 2.74 -6.78
C VAL A 38 -14.83 2.02 -7.69
N ILE A 39 -14.75 0.69 -7.63
CA ILE A 39 -13.65 0.01 -8.30
C ILE A 39 -13.77 0.11 -9.82
N LEU A 40 -14.98 0.35 -10.34
CA LEU A 40 -15.17 0.43 -11.76
C LEU A 40 -15.36 1.84 -12.27
N ALA A 41 -15.42 2.83 -11.38
CA ALA A 41 -15.64 4.21 -11.79
C ALA A 41 -14.40 4.77 -12.49
N ASP A 42 -14.60 5.92 -13.12
CA ASP A 42 -13.48 6.65 -13.69
C ASP A 42 -12.85 7.47 -12.58
N PRO A 43 -11.56 7.26 -12.26
CA PRO A 43 -10.96 8.01 -11.13
C PRO A 43 -11.04 9.53 -11.28
N ASP A 44 -11.44 10.04 -12.43
CA ASP A 44 -11.67 11.47 -12.58
C ASP A 44 -12.85 11.94 -11.74
N SER A 45 -13.73 11.03 -11.36
CA SER A 45 -15.02 11.37 -10.77
C SER A 45 -15.16 11.03 -9.30
N LEU A 46 -14.12 10.47 -8.69
CA LEU A 46 -14.23 9.91 -7.34
C LEU A 46 -13.78 10.95 -6.30
N GLU A 47 -14.48 10.98 -5.15
CA GLU A 47 -14.10 11.88 -4.06
C GLU A 47 -12.66 11.64 -3.62
N ARG A 48 -12.33 10.41 -3.23
CA ARG A 48 -10.95 10.04 -2.91
C ARG A 48 -10.52 9.00 -3.96
N PRO A 49 -9.84 9.44 -5.03
CA PRO A 49 -9.51 8.51 -6.12
C PRO A 49 -8.61 7.36 -5.71
N VAL A 50 -7.82 7.51 -4.63
CA VAL A 50 -7.00 6.40 -4.13
C VAL A 50 -7.87 5.24 -3.70
N ASP A 51 -9.17 5.48 -3.48
CA ASP A 51 -10.08 4.40 -3.14
C ASP A 51 -10.17 3.34 -4.23
N LYS A 52 -9.71 3.65 -5.44
CA LYS A 52 -9.84 2.70 -6.53
C LYS A 52 -8.91 1.49 -6.37
N TYR A 53 -7.77 1.64 -5.67
CA TYR A 53 -6.85 0.50 -5.44
C TYR A 53 -7.32 -0.35 -4.26
N ALA A 55 -10.15 -0.90 -3.22
CA ALA A 55 -11.37 -1.65 -3.47
C ALA A 55 -11.06 -3.05 -4.00
N ALA A 56 -10.01 -3.20 -4.82
CA ALA A 56 -9.61 -4.55 -5.26
C ALA A 56 -9.01 -5.35 -4.11
N THR A 57 -8.16 -4.71 -3.31
CA THR A 57 -7.61 -5.37 -2.14
C THR A 57 -8.74 -5.79 -1.19
N ARG A 58 -9.72 -4.89 -0.96
CA ARG A 58 -10.85 -5.18 -0.07
C ARG A 58 -11.76 -6.30 -0.61
N LEU A 59 -12.03 -6.31 -1.92
CA LEU A 59 -12.87 -7.36 -2.48
C LEU A 59 -12.16 -8.71 -2.54
N GLY A 60 -10.81 -8.71 -2.49
CA GLY A 60 -10.08 -9.97 -2.37
C GLY A 60 -10.21 -10.62 -1.01
N ALA A 61 -10.54 -9.84 0.02
CA ALA A 61 -10.80 -10.35 1.35
C ALA A 61 -12.29 -10.55 1.57
N SER A 62 -13.08 -10.43 0.52
CA SER A 62 -14.51 -10.69 0.60
C SER A 62 -14.78 -12.15 0.17
N ASN A 63 -16.05 -12.55 0.22
CA ASN A 63 -16.38 -13.95 -0.07
C ASN A 63 -17.63 -14.09 -0.94
N SER A 64 -18.30 -13.00 -1.30
CA SER A 64 -19.58 -13.10 -1.97
C SER A 64 -19.40 -13.29 -3.48
N GLU A 65 -20.43 -13.85 -4.11
CA GLU A 65 -20.38 -14.08 -5.55
C GLU A 65 -20.46 -12.76 -6.30
N GLU A 66 -21.23 -11.79 -5.80
CA GLU A 66 -21.33 -10.48 -6.43
C GLU A 66 -19.97 -9.78 -6.44
N SER A 67 -19.22 -9.87 -5.34
CA SER A 67 -17.92 -9.22 -5.28
C SER A 67 -16.91 -9.90 -6.18
N LEU A 68 -17.03 -11.22 -6.36
CA LEU A 68 -16.13 -11.92 -7.26
C LEU A 68 -16.40 -11.53 -8.71
N ASP A 69 -17.65 -11.27 -9.05
CA ASP A 69 -17.91 -10.89 -10.42
C ASP A 69 -17.66 -9.41 -10.67
N VAL A 70 -17.47 -8.62 -9.62
CA VAL A 70 -16.95 -7.27 -9.78
C VAL A 70 -15.43 -7.29 -9.91
N LEU A 71 -14.76 -8.16 -9.16
CA LEU A 71 -13.33 -8.34 -9.37
C LEU A 71 -13.01 -8.81 -10.79
N ILE A 72 -13.85 -9.66 -11.37
CA ILE A 72 -13.65 -10.07 -12.76
C ILE A 72 -13.76 -8.88 -13.70
N GLN A 73 -14.62 -7.91 -13.38
CA GLN A 73 -14.71 -6.73 -14.22
C GLN A 73 -13.51 -5.82 -14.03
N ALA A 74 -12.98 -5.71 -12.81
CA ALA A 74 -11.78 -4.89 -12.61
C ALA A 74 -10.57 -5.53 -13.26
N ALA A 75 -10.56 -6.86 -13.38
CA ALA A 75 -9.53 -7.61 -14.09
C ALA A 75 -9.60 -7.47 -15.60
N GLU A 76 -10.72 -6.98 -16.12
CA GLU A 76 -10.92 -6.77 -17.55
C GLU A 76 -10.99 -5.28 -17.86
N LEU A 77 -10.30 -4.49 -17.04
CA LEU A 77 -10.38 -3.04 -17.16
C LEU A 77 -9.61 -2.59 -18.39
N ASP A 78 -10.19 -1.59 -19.07
CA ASP A 78 -9.66 -1.05 -20.31
C ASP A 78 -8.26 -0.46 -20.08
N PRO A 79 -7.24 -1.00 -20.69
CA PRO A 79 -5.88 -0.51 -20.40
C PRO A 79 -5.47 0.75 -21.18
N GLU A 80 -6.41 1.42 -21.88
CA GLU A 80 -6.06 2.67 -22.55
C GLU A 80 -5.69 3.75 -21.55
N HIS A 81 -6.16 3.60 -20.32
CA HIS A 81 -5.92 4.50 -19.21
C HIS A 81 -4.67 4.07 -18.43
N LEU A 82 -4.20 4.97 -17.57
CA LEU A 82 -3.13 4.66 -16.64
C LEU A 82 -3.68 4.26 -15.28
N PHE A 83 -4.82 4.85 -14.91
CA PHE A 83 -5.44 4.63 -13.61
C PHE A 83 -6.19 3.31 -13.54
N ASN A 84 -6.64 2.77 -14.67
CA ASN A 84 -7.36 1.50 -14.71
C ASN A 84 -6.44 0.28 -14.84
N ARG A 85 -5.20 0.46 -15.30
CA ARG A 85 -4.27 -0.67 -15.36
C ARG A 85 -3.73 -1.02 -13.98
N ILE A 86 -3.48 -0.02 -13.13
CA ILE A 86 -3.07 -0.28 -11.76
C ILE A 86 -4.15 -1.08 -11.04
N THR A 87 -5.41 -0.60 -11.13
CA THR A 87 -6.54 -1.29 -10.53
C THR A 87 -6.76 -2.67 -11.13
N ARG A 88 -6.46 -2.85 -12.42
CA ARG A 88 -6.51 -4.17 -13.05
C ARG A 88 -5.48 -5.11 -12.42
N ARG A 89 -4.32 -4.56 -11.98
CA ARG A 89 -3.26 -5.37 -11.36
C ARG A 89 -3.69 -5.89 -10.01
N LYS A 90 -4.40 -5.08 -9.24
CA LYS A 90 -4.78 -5.44 -7.89
C LYS A 90 -6.03 -6.33 -7.89
N ALA A 91 -6.88 -6.19 -8.91
CA ALA A 91 -7.99 -7.11 -9.07
C ALA A 91 -7.51 -8.51 -9.43
N ILE A 92 -6.32 -8.58 -10.04
CA ILE A 92 -5.72 -9.83 -10.49
C ILE A 92 -4.97 -10.52 -9.35
N ASP A 93 -4.29 -9.74 -8.48
CA ASP A 93 -3.83 -10.32 -7.22
C ASP A 93 -5.02 -10.77 -6.39
N ALA A 94 -6.11 -10.00 -6.45
CA ALA A 94 -7.31 -10.28 -5.69
C ALA A 94 -7.96 -11.57 -6.14
N LEU A 95 -8.02 -11.81 -7.45
CA LEU A 95 -8.65 -13.02 -7.93
C LEU A 95 -7.79 -14.24 -7.61
N GLY A 96 -6.48 -14.06 -7.48
CA GLY A 96 -5.65 -15.17 -7.01
C GLY A 96 -5.90 -15.50 -5.55
N ARG A 97 -6.11 -14.47 -4.72
CA ARG A 97 -6.45 -14.68 -3.30
C ARG A 97 -7.81 -15.35 -3.16
N ARG A 98 -8.75 -14.99 -4.05
CA ARG A 98 -10.10 -15.57 -3.99
C ARG A 98 -10.09 -17.05 -4.36
N LYS A 99 -9.11 -17.49 -5.15
CA LYS A 99 -8.94 -18.91 -5.49
C LYS A 99 -10.18 -19.52 -6.14
N SER A 100 -10.93 -18.70 -6.89
CA SER A 100 -12.06 -19.29 -7.60
C SER A 100 -11.73 -19.45 -9.08
N PRO A 101 -12.12 -20.60 -9.64
CA PRO A 101 -11.88 -20.85 -11.07
C PRO A 101 -12.66 -19.93 -12.00
N LYS A 102 -13.66 -19.21 -11.48
CA LYS A 102 -14.43 -18.28 -12.31
C LYS A 102 -13.55 -17.18 -12.89
N ALA A 103 -12.43 -16.88 -12.24
CA ALA A 103 -11.51 -15.84 -12.69
C ALA A 103 -10.69 -16.25 -13.90
N LEU A 104 -10.58 -17.56 -14.17
CA LEU A 104 -9.59 -18.02 -15.15
C LEU A 104 -9.71 -17.34 -16.49
N PRO A 105 -10.90 -17.17 -17.09
CA PRO A 105 -10.98 -16.43 -18.35
C PRO A 105 -10.39 -15.03 -18.28
N SER A 106 -10.64 -14.28 -17.20
CA SER A 106 -10.08 -12.93 -17.04
C SER A 106 -8.56 -12.96 -17.03
N LEU A 107 -7.98 -13.88 -16.25
CA LEU A 107 -6.54 -13.97 -16.08
C LEU A 107 -5.82 -14.37 -17.36
N PHE A 108 -6.47 -15.13 -18.23
CA PHE A 108 -5.80 -15.60 -19.44
C PHE A 108 -5.71 -14.49 -20.49
N LYS A 109 -6.67 -13.56 -20.54
CA LYS A 109 -6.56 -12.38 -21.38
C LYS A 109 -5.43 -11.47 -20.90
N ALA A 110 -5.28 -11.32 -19.59
CA ALA A 110 -4.17 -10.55 -19.08
C ALA A 110 -2.83 -11.12 -19.56
N LEU A 111 -2.74 -12.44 -19.75
CA LEU A 111 -1.51 -13.02 -20.29
C LEU A 111 -1.12 -12.38 -21.60
N LYS A 112 -2.13 -12.06 -22.41
CA LYS A 112 -1.94 -11.57 -23.75
C LYS A 112 -1.62 -10.09 -23.77
N CYS A 113 -1.28 -9.51 -22.64
CA CYS A 113 -1.24 -8.05 -22.52
C CYS A 113 0.18 -7.50 -22.62
N SER A 114 0.24 -6.17 -22.75
CA SER A 114 1.50 -5.44 -22.89
C SER A 114 2.11 -5.14 -21.53
N ASP A 115 1.34 -4.51 -20.64
CA ASP A 115 1.76 -4.35 -19.25
C ASP A 115 2.10 -5.74 -18.72
N GLU A 116 3.39 -6.03 -18.61
CA GLU A 116 3.85 -7.35 -18.24
C GLU A 116 3.91 -7.56 -16.74
N ALA A 117 3.58 -6.53 -15.95
CA ALA A 117 3.42 -6.73 -14.52
C ALA A 117 2.10 -7.46 -14.22
N ALA A 118 1.03 -7.14 -14.96
CA ALA A 118 -0.21 -7.89 -14.82
C ALA A 118 -0.12 -9.26 -15.45
N VAL A 119 0.83 -9.46 -16.38
CA VAL A 119 1.06 -10.82 -16.86
C VAL A 119 1.64 -11.67 -15.76
N ILE A 120 2.67 -11.15 -15.07
CA ILE A 120 3.33 -11.91 -14.03
C ILE A 120 2.41 -12.09 -12.82
N ASN A 121 1.60 -11.08 -12.51
CA ASN A 121 0.56 -11.25 -11.51
C ASN A 121 -0.45 -12.32 -11.95
N SER A 122 -0.87 -12.26 -13.23
CA SER A 122 -1.93 -13.14 -13.70
C SER A 122 -1.49 -14.61 -13.68
N VAL A 123 -0.25 -14.89 -14.06
CA VAL A 123 0.29 -16.26 -13.95
C VAL A 123 0.24 -16.75 -12.51
N GLU A 124 0.88 -15.99 -11.60
CA GLU A 124 0.89 -16.37 -10.19
C GLU A 124 -0.52 -16.53 -9.66
N ALA A 125 -1.45 -15.70 -10.13
CA ALA A 125 -2.85 -15.86 -9.74
C ALA A 125 -3.42 -17.18 -10.25
N ILE A 126 -3.08 -17.56 -11.49
CA ILE A 126 -3.55 -18.83 -12.04
C ILE A 126 -2.93 -19.99 -11.26
N THR A 127 -1.68 -19.82 -10.83
CA THR A 127 -1.04 -20.82 -9.99
C THR A 127 -1.82 -20.97 -8.69
N LYS A 128 -2.18 -19.85 -8.07
CA LYS A 128 -2.91 -19.91 -6.80
C LYS A 128 -4.24 -20.62 -6.96
N ILE A 129 -4.94 -20.39 -8.07
CA ILE A 129 -6.28 -20.94 -8.20
C ILE A 129 -6.24 -22.46 -8.30
N ASP A 130 -5.16 -23.00 -8.87
CA ASP A 130 -4.91 -24.44 -8.93
C ASP A 130 -6.11 -25.18 -9.51
N ALA A 131 -6.88 -24.52 -10.36
CA ALA A 131 -7.99 -25.18 -11.01
C ALA A 131 -7.46 -26.06 -12.12
N PRO A 132 -8.27 -27.00 -12.63
CA PRO A 132 -7.83 -27.78 -13.79
C PRO A 132 -7.91 -26.93 -15.05
N LEU A 133 -6.77 -26.74 -15.71
CA LEU A 133 -6.70 -26.00 -16.95
C LEU A 133 -6.86 -26.97 -18.10
N THR A 134 -7.40 -26.47 -19.20
CA THR A 134 -7.56 -27.28 -20.39
C THR A 134 -6.31 -27.20 -21.28
N GLU A 135 -6.32 -28.06 -22.29
CA GLU A 135 -5.22 -28.14 -23.25
C GLU A 135 -5.01 -26.80 -23.95
N ALA A 136 -6.12 -26.11 -24.25
CA ALA A 136 -6.05 -24.76 -24.81
C ALA A 136 -5.45 -23.78 -23.82
N ASP A 137 -5.82 -23.89 -22.53
CA ASP A 137 -5.25 -23.03 -21.49
C ASP A 137 -3.76 -23.24 -21.35
N HIS A 138 -3.29 -24.48 -21.52
CA HIS A 138 -1.86 -24.70 -21.37
C HIS A 138 -1.13 -24.00 -22.48
N GLU A 139 -1.77 -23.88 -23.64
CA GLU A 139 -1.10 -23.29 -24.78
C GLU A 139 -1.03 -21.78 -24.67
N LYS A 140 -2.08 -21.15 -24.12
CA LYS A 140 -2.07 -19.70 -23.92
C LYS A 140 -1.02 -19.30 -22.88
N LEU A 141 -0.95 -20.07 -21.80
CA LEU A 141 0.09 -19.94 -20.80
C LEU A 141 1.48 -20.24 -21.36
N LEU A 142 1.58 -20.94 -22.49
CA LEU A 142 2.89 -21.14 -23.12
C LEU A 142 3.32 -19.93 -23.93
N GLU A 143 2.35 -19.16 -24.43
CA GLU A 143 2.69 -17.90 -25.10
C GLU A 143 3.41 -16.98 -24.13
N ALA A 144 2.95 -16.95 -22.88
CA ALA A 144 3.62 -16.11 -21.89
C ALA A 144 5.06 -16.57 -21.65
N LEU A 145 5.32 -17.85 -21.90
CA LEU A 145 6.64 -18.38 -21.60
C LEU A 145 7.72 -17.74 -22.45
N LYS A 146 7.36 -17.23 -23.62
CA LYS A 146 8.38 -16.58 -24.44
C LYS A 146 8.30 -15.07 -24.25
N GLY A 147 8.47 -14.65 -23.01
CA GLY A 147 8.79 -13.26 -22.71
C GLY A 147 10.28 -13.10 -22.44
N GLU A 148 10.59 -12.31 -21.43
CA GLU A 148 11.97 -12.23 -20.95
C GLU A 148 12.12 -12.84 -19.56
N ASP A 149 13.37 -13.10 -19.21
CA ASP A 149 13.70 -14.12 -18.23
C ASP A 149 12.95 -13.99 -16.90
N ILE A 150 12.65 -12.78 -16.44
CA ILE A 150 11.91 -12.68 -15.17
C ILE A 150 10.49 -13.23 -15.33
N GLN A 151 9.90 -13.06 -16.51
CA GLN A 151 8.60 -13.63 -16.88
C GLN A 151 8.68 -15.12 -17.25
N LYS A 152 9.72 -15.54 -17.97
CA LYS A 152 9.87 -16.98 -18.20
C LYS A 152 9.90 -17.74 -16.87
N ARG A 153 10.60 -17.19 -15.87
CA ARG A 153 10.77 -17.93 -14.63
C ARG A 153 9.43 -18.12 -13.90
N ALA A 154 8.51 -17.16 -14.06
CA ALA A 154 7.19 -17.28 -13.45
C ALA A 154 6.31 -18.23 -14.23
N VAL A 155 6.53 -18.35 -15.54
CA VAL A 155 5.73 -19.23 -16.35
C VAL A 155 6.13 -20.67 -16.12
N ILE A 156 7.43 -20.95 -16.03
CA ILE A 156 7.89 -22.30 -15.72
C ILE A 156 7.41 -22.75 -14.33
N GLN A 157 7.60 -21.89 -13.33
CA GLN A 157 7.21 -22.26 -11.97
C GLN A 157 5.71 -22.50 -11.88
N ALA A 158 4.93 -21.86 -12.76
CA ALA A 158 3.48 -22.10 -12.82
C ALA A 158 3.15 -23.51 -13.31
N PHE A 159 3.83 -23.97 -14.36
CA PHE A 159 3.70 -25.35 -14.80
C PHE A 159 4.22 -26.31 -13.75
N CYS A 160 5.28 -25.91 -13.05
CA CYS A 160 5.90 -26.81 -12.07
C CYS A 160 4.97 -27.09 -10.90
N ARG A 161 4.27 -26.06 -10.41
CA ARG A 161 3.35 -26.14 -9.27
C ARG A 161 1.96 -26.59 -9.66
N LEU A 162 1.45 -26.14 -10.80
CA LEU A 162 0.20 -26.69 -11.30
C LEU A 162 0.34 -28.17 -11.66
N GLY A 163 1.55 -28.63 -11.98
CA GLY A 163 1.78 -30.03 -12.30
C GLY A 163 1.21 -30.36 -13.66
N VAL A 164 1.70 -29.65 -14.68
CA VAL A 164 1.20 -29.66 -16.05
C VAL A 164 2.25 -30.27 -16.97
N PRO A 165 2.17 -31.57 -17.27
CA PRO A 165 3.21 -32.24 -18.06
C PRO A 165 3.07 -32.16 -19.58
N GLY A 166 2.00 -31.55 -20.12
CA GLY A 166 1.95 -31.44 -21.57
C GLY A 166 3.09 -30.60 -22.11
N VAL A 167 3.48 -29.55 -21.39
CA VAL A 167 4.49 -28.58 -21.85
C VAL A 167 5.91 -29.06 -21.63
N ILE A 168 6.09 -30.37 -21.49
CA ILE A 168 7.42 -30.88 -21.18
C ILE A 168 8.38 -30.56 -22.32
N ASN A 169 7.87 -30.52 -23.57
CA ASN A 169 8.69 -30.24 -24.76
C ASN A 169 9.28 -28.84 -24.77
N SER A 170 8.68 -27.93 -24.04
CA SER A 170 9.06 -26.54 -24.03
C SER A 170 9.98 -26.22 -22.87
N ILE A 171 9.67 -26.78 -21.70
CA ILE A 171 10.48 -26.51 -20.52
C ILE A 171 11.80 -27.26 -20.61
N SER A 172 11.79 -28.43 -21.28
CA SER A 172 12.95 -29.33 -21.27
C SER A 172 14.22 -28.66 -21.77
N PRO A 173 14.26 -28.09 -22.98
CA PRO A 173 15.49 -27.42 -23.44
C PRO A 173 15.82 -26.10 -22.72
N LEU A 174 14.91 -25.54 -21.91
CA LEU A 174 15.28 -24.41 -21.06
C LEU A 174 16.32 -24.78 -20.02
N GLN A 175 16.39 -26.06 -19.64
CA GLN A 175 17.35 -26.53 -18.66
C GLN A 175 18.75 -26.07 -19.00
N ASP A 176 18.99 -25.70 -20.26
CA ASP A 176 20.28 -25.21 -20.67
C ASP A 176 20.21 -23.73 -21.06
N ASP A 177 19.21 -23.00 -20.57
CA ASP A 177 19.20 -21.56 -20.69
C ASP A 177 20.40 -21.00 -19.93
N SER A 178 20.95 -19.90 -20.46
CA SER A 178 22.15 -19.33 -19.90
C SER A 178 21.91 -18.64 -18.57
N ASN A 179 20.68 -18.20 -18.29
CA ASN A 179 20.36 -17.53 -17.04
C ASN A 179 19.99 -18.58 -16.01
N PRO A 180 20.77 -18.75 -14.93
CA PRO A 180 20.42 -19.77 -13.92
C PRO A 180 19.03 -19.61 -13.34
N LEU A 181 18.45 -18.40 -13.39
CA LEU A 181 17.09 -18.18 -12.87
C LEU A 181 16.03 -18.85 -13.73
N VAL A 182 16.24 -18.88 -15.04
CA VAL A 182 15.35 -19.60 -15.96
C VAL A 182 15.67 -21.09 -15.92
N ALA A 183 16.95 -21.45 -15.94
CA ALA A 183 17.38 -22.84 -16.02
C ALA A 183 17.09 -23.59 -14.73
N GLY A 184 17.38 -22.98 -13.58
CA GLY A 184 17.04 -23.62 -12.31
C GLY A 184 15.56 -23.95 -12.25
N ALA A 185 14.71 -22.99 -12.65
CA ALA A 185 13.28 -23.23 -12.67
C ALA A 185 12.93 -24.42 -13.54
N ALA A 186 13.56 -24.52 -14.73
CA ALA A 186 13.26 -25.57 -15.70
C ALA A 186 13.72 -26.95 -15.23
N ARG A 187 14.83 -26.99 -14.47
CA ARG A 187 15.26 -28.21 -13.81
C ARG A 187 14.34 -28.59 -12.65
N ALA A 188 13.84 -27.60 -11.91
CA ALA A 188 12.82 -27.91 -10.91
C ALA A 188 11.64 -28.63 -11.56
N TYR A 189 11.12 -28.07 -12.65
CA TYR A 189 9.99 -28.69 -13.35
C TYR A 189 10.32 -30.10 -13.77
N SER A 191 12.19 -32.17 -12.45
CA SER A 191 12.19 -33.05 -11.29
C SER A 191 10.77 -33.31 -10.81
N LYS A 192 9.98 -32.26 -10.69
CA LYS A 192 8.69 -32.36 -10.05
C LYS A 192 7.67 -32.96 -10.97
N VAL A 193 7.68 -32.54 -12.24
CA VAL A 193 6.64 -32.86 -13.20
C VAL A 193 7.05 -34.00 -14.12
N ALA A 194 8.31 -34.05 -14.53
CA ALA A 194 8.78 -35.09 -15.43
C ALA A 194 9.59 -36.18 -14.74
N LEU A 195 9.88 -36.02 -13.44
CA LEU A 195 10.39 -37.10 -12.61
C LEU A 195 11.81 -37.54 -13.02
N GLN A 196 12.66 -36.58 -13.34
CA GLN A 196 14.09 -36.86 -13.54
C GLN A 196 14.82 -36.06 -12.47
N PRO A 197 15.09 -36.65 -11.31
CA PRO A 197 15.57 -35.83 -10.18
C PRO A 197 17.02 -35.38 -10.34
N ASP A 198 17.58 -35.58 -11.54
CA ASP A 198 19.00 -35.43 -11.81
C ASP A 198 19.42 -34.03 -12.20
N GLY A 199 18.52 -33.24 -12.76
CA GLY A 199 18.90 -31.90 -13.17
C GLY A 199 19.30 -31.00 -12.04
N LEU A 200 19.01 -31.38 -10.80
CA LEU A 200 19.17 -30.49 -9.66
C LEU A 200 20.61 -30.32 -9.17
N GLU A 201 21.56 -31.15 -9.59
CA GLU A 201 22.91 -31.09 -9.02
C GLU A 201 23.56 -29.73 -9.22
N VAL A 202 23.18 -29.03 -10.29
CA VAL A 202 23.67 -27.67 -10.56
C VAL A 202 23.30 -26.72 -9.42
N LEU A 203 22.13 -26.92 -8.82
CA LEU A 203 21.65 -26.02 -7.79
C LEU A 203 22.43 -26.14 -6.48
N ILE A 204 23.13 -27.24 -6.24
CA ILE A 204 23.77 -27.44 -4.94
C ILE A 204 24.95 -26.48 -4.76
N PRO A 205 25.82 -26.31 -5.76
CA PRO A 205 26.80 -25.22 -5.68
C PRO A 205 26.17 -23.85 -5.73
N GLN A 206 25.07 -23.69 -6.47
CA GLN A 206 24.38 -22.41 -6.58
C GLN A 206 23.81 -21.95 -5.25
N LEU A 207 23.64 -22.87 -4.29
CA LEU A 207 23.24 -22.45 -2.94
C LEU A 207 24.29 -21.58 -2.26
N VAL A 208 25.52 -21.52 -2.76
CA VAL A 208 26.55 -20.61 -2.22
C VAL A 208 27.17 -19.80 -3.34
N ASP A 209 26.39 -19.44 -4.37
CA ASP A 209 26.89 -18.60 -5.44
C ASP A 209 27.26 -17.22 -4.88
N PRO A 210 28.25 -16.55 -5.44
CA PRO A 210 28.55 -15.18 -4.99
C PRO A 210 27.42 -14.20 -5.23
N ILE A 211 26.46 -14.56 -6.07
CA ILE A 211 25.37 -13.69 -6.49
C ILE A 211 24.12 -14.11 -5.73
N ALA A 212 23.69 -13.25 -4.83
CA ALA A 212 22.65 -13.61 -3.87
C ALA A 212 21.35 -14.04 -4.54
N GLY A 213 21.07 -13.52 -5.75
CA GLY A 213 19.84 -13.89 -6.43
C GLY A 213 19.78 -15.35 -6.83
N ARG A 214 20.94 -15.93 -7.17
CA ARG A 214 20.97 -17.33 -7.54
C ARG A 214 20.91 -18.19 -6.29
N ARG A 215 21.56 -17.74 -5.21
CA ARG A 215 21.52 -18.40 -3.91
C ARG A 215 20.09 -18.54 -3.40
N ARG A 216 19.31 -17.48 -3.54
CA ARG A 216 17.91 -17.48 -3.17
C ARG A 216 17.09 -18.32 -4.16
N SER A 217 17.38 -18.18 -5.45
CA SER A 217 16.75 -19.00 -6.48
C SER A 217 16.96 -20.48 -6.19
N ALA A 218 18.20 -20.87 -5.87
CA ALA A 218 18.50 -22.28 -5.64
C ALA A 218 17.67 -22.80 -4.46
N VAL A 219 17.57 -22.03 -3.38
CA VAL A 219 16.67 -22.46 -2.31
C VAL A 219 15.25 -22.61 -2.85
N ILE A 220 14.79 -21.61 -3.59
CA ILE A 220 13.42 -21.63 -4.13
C ILE A 220 13.20 -22.85 -5.01
N ASP A 221 14.15 -23.13 -5.90
CA ASP A 221 13.95 -24.19 -6.88
C ASP A 221 14.05 -25.57 -6.25
N LEU A 222 14.93 -25.76 -5.26
CA LEU A 222 15.10 -27.09 -4.69
C LEU A 222 13.86 -27.57 -3.96
N GLY A 223 13.06 -26.64 -3.45
CA GLY A 223 11.79 -26.98 -2.85
C GLY A 223 10.71 -27.22 -3.88
N ASP A 224 10.72 -26.45 -4.97
CA ASP A 224 9.76 -26.70 -6.03
C ASP A 224 9.99 -28.05 -6.70
N ALA A 225 11.19 -28.60 -6.56
CA ALA A 225 11.57 -29.82 -7.27
C ALA A 225 11.08 -31.08 -6.58
N GLY A 226 10.71 -30.99 -5.30
CA GLY A 226 10.24 -32.16 -4.58
C GLY A 226 11.22 -33.32 -4.50
N ASP A 227 12.53 -33.06 -4.40
CA ASP A 227 13.50 -34.14 -4.22
C ASP A 227 14.02 -34.05 -2.79
N VAL A 228 13.40 -34.83 -1.89
CA VAL A 228 13.65 -34.69 -0.46
C VAL A 228 15.05 -35.07 -0.04
N THR A 229 15.83 -35.71 -0.92
CA THR A 229 17.21 -36.00 -0.56
C THR A 229 18.08 -34.76 -0.61
N ARG A 230 17.54 -33.64 -1.07
CA ARG A 230 18.20 -32.34 -1.07
C ARG A 230 18.01 -31.59 0.25
N LEU A 231 17.27 -32.16 1.19
CA LEU A 231 16.99 -31.52 2.47
C LEU A 231 18.28 -31.13 3.22
N GLU A 232 19.31 -31.98 3.21
CA GLU A 232 20.52 -31.62 3.95
C GLU A 232 21.21 -30.41 3.31
N ALA A 233 21.05 -30.25 2.00
CA ALA A 233 21.68 -29.11 1.34
C ALA A 233 21.07 -27.80 1.84
N LEU A 234 19.76 -27.82 2.11
CA LEU A 234 19.08 -26.63 2.61
C LEU A 234 19.51 -26.28 4.04
N VAL A 235 19.95 -27.27 4.82
CA VAL A 235 20.22 -27.00 6.23
C VAL A 235 21.28 -25.91 6.40
N THR A 236 22.24 -25.83 5.49
CA THR A 236 23.42 -25.00 5.71
C THR A 236 23.63 -23.90 4.66
N ALA A 237 22.65 -23.64 3.77
CA ALA A 237 22.82 -22.62 2.72
C ALA A 237 22.69 -21.22 3.32
N PRO A 238 23.63 -20.30 3.03
CA PRO A 238 23.52 -18.94 3.58
C PRO A 238 22.41 -18.18 2.92
N VAL A 239 21.19 -18.57 3.23
CA VAL A 239 19.99 -17.90 2.77
C VAL A 239 19.03 -17.80 3.94
N SER A 240 18.10 -16.84 3.86
CA SER A 240 17.12 -16.60 4.91
C SER A 240 16.50 -17.91 5.39
N SER A 242 13.72 -18.45 6.57
CA SER A 242 12.33 -18.55 6.16
C SER A 242 12.21 -19.24 4.82
N LEU A 243 13.06 -18.86 3.85
CA LEU A 243 13.06 -19.48 2.53
C LEU A 243 13.45 -20.94 2.63
N ARG A 244 14.55 -21.23 3.34
CA ARG A 244 15.00 -22.61 3.49
C ARG A 244 13.97 -23.46 4.23
N ALA A 245 13.38 -22.93 5.32
CA ALA A 245 12.33 -23.66 6.02
C ALA A 245 11.16 -23.94 5.10
N ARG A 246 10.69 -22.91 4.41
CA ARG A 246 9.56 -23.10 3.51
C ARG A 246 9.85 -24.20 2.48
N SER A 247 11.03 -24.15 1.85
CA SER A 247 11.36 -25.18 0.86
C SER A 247 11.55 -26.54 1.51
N ALA A 248 12.11 -26.58 2.71
CA ALA A 248 12.32 -27.87 3.36
C ALA A 248 10.99 -28.51 3.73
N PHE A 249 10.00 -27.70 4.09
CA PHE A 249 8.70 -28.28 4.38
C PHE A 249 7.96 -28.70 3.12
N GLN A 250 8.24 -28.06 1.97
CA GLN A 250 7.72 -28.54 0.69
C GLN A 250 8.26 -29.93 0.32
N LEU A 251 9.39 -30.33 0.89
CA LEU A 251 9.97 -31.64 0.66
C LEU A 251 9.49 -32.70 1.63
N VAL A 252 9.34 -32.35 2.90
CA VAL A 252 9.05 -33.34 3.94
C VAL A 252 7.56 -33.39 4.24
N ASP A 253 6.86 -32.28 4.03
CA ASP A 253 5.43 -32.21 4.30
C ASP A 253 4.76 -31.55 3.10
N PRO A 254 4.69 -32.26 1.97
CA PRO A 254 4.21 -31.61 0.74
C PRO A 254 2.77 -31.14 0.86
N ASP A 255 2.00 -31.77 1.74
CA ASP A 255 0.59 -31.47 1.87
C ASP A 255 0.29 -30.53 3.04
N LYS A 256 1.31 -29.93 3.64
CA LYS A 256 1.14 -28.97 4.75
C LYS A 256 0.29 -29.58 5.87
N THR A 257 0.56 -30.84 6.17
CA THR A 257 -0.12 -31.59 7.23
C THR A 257 0.42 -31.31 8.62
N CYS A 258 1.35 -30.37 8.76
CA CYS A 258 2.01 -30.02 10.03
C CYS A 258 2.60 -31.25 10.73
N GLN A 259 3.11 -32.19 9.94
CA GLN A 259 3.81 -33.35 10.48
C GLN A 259 5.05 -33.62 9.63
N VAL A 260 6.23 -33.56 10.24
CA VAL A 260 7.45 -33.94 9.56
C VAL A 260 7.74 -35.40 9.91
N PRO A 261 8.13 -36.24 8.96
CA PRO A 261 8.50 -37.60 9.33
C PRO A 261 9.73 -37.56 10.23
N GLU A 262 9.66 -38.32 11.33
CA GLU A 262 10.75 -38.38 12.29
C GLU A 262 12.05 -38.88 11.66
N LYS A 263 12.00 -39.47 10.46
CA LYS A 263 13.24 -39.80 9.76
C LYS A 263 14.06 -38.55 9.46
N TYR A 264 13.41 -37.39 9.28
CA TYR A 264 14.08 -36.14 8.96
C TYR A 264 14.15 -35.18 10.13
N ALA A 265 13.51 -35.52 11.25
CA ALA A 265 13.22 -34.53 12.29
C ALA A 265 14.45 -33.76 12.74
N GLU A 266 15.62 -34.41 12.76
CA GLU A 266 16.82 -33.67 13.14
C GLU A 266 17.32 -32.76 12.01
N LEU A 267 17.19 -33.17 10.74
CA LEU A 267 17.63 -32.28 9.68
C LEU A 267 16.77 -31.03 9.59
N ILE A 268 15.47 -31.12 9.92
CA ILE A 268 14.65 -29.91 9.96
C ILE A 268 14.99 -29.07 11.18
N THR A 269 15.34 -29.73 12.29
CA THR A 269 15.62 -29.01 13.53
C THR A 269 16.77 -28.05 13.35
N GLN A 270 17.87 -28.51 12.75
CA GLN A 270 19.02 -27.65 12.56
C GLN A 270 18.87 -26.67 11.41
N LEU A 271 18.01 -26.95 10.42
CA LEU A 271 17.69 -25.87 9.50
C LEU A 271 17.02 -24.75 10.28
N LEU A 272 16.07 -25.12 11.14
CA LEU A 272 15.32 -24.11 11.87
C LEU A 272 16.13 -23.44 12.98
N GLN A 273 17.18 -24.08 13.49
CA GLN A 273 17.98 -23.44 14.52
C GLN A 273 19.03 -22.52 13.93
N ASP A 274 19.40 -22.73 12.67
CA ASP A 274 20.07 -21.73 11.86
C ASP A 274 21.27 -21.14 12.60
N ASN A 275 22.14 -22.04 13.00
CA ASN A 275 23.43 -21.73 13.63
C ASN A 275 24.39 -21.10 12.61
N PRO A 276 24.68 -19.79 12.71
CA PRO A 276 25.55 -19.15 11.69
C PRO A 276 26.94 -19.74 11.57
N GLN A 277 27.44 -20.44 12.58
CA GLN A 277 28.77 -21.00 12.55
C GLN A 277 28.84 -22.37 11.87
N GLN A 278 27.70 -22.96 11.51
CA GLN A 278 27.69 -24.23 10.80
C GLN A 278 27.04 -24.14 9.42
N LEU A 279 26.65 -22.93 8.97
CA LEU A 279 26.26 -22.62 7.60
C LEU A 279 27.51 -22.48 6.72
N LYS A 280 27.32 -22.69 5.41
CA LYS A 280 28.41 -22.61 4.44
C LYS A 280 28.62 -21.16 4.03
N LEU A 281 29.67 -20.53 4.54
CA LEU A 281 29.92 -19.10 4.33
C LEU A 281 31.29 -18.93 3.69
N ARG A 282 31.35 -18.16 2.63
CA ARG A 282 32.61 -17.84 1.99
C ARG A 282 33.40 -16.89 2.88
N LYS A 283 34.66 -16.67 2.49
CA LYS A 283 35.53 -15.83 3.29
C LYS A 283 35.08 -14.37 3.25
N GLU A 284 34.59 -13.91 2.09
CA GLU A 284 34.19 -12.50 1.94
C GLU A 284 32.99 -12.12 2.80
N TRP A 285 32.19 -13.07 3.24
CA TRP A 285 31.04 -12.73 4.05
C TRP A 285 31.37 -12.64 5.52
N ILE A 286 32.47 -13.26 5.96
CA ILE A 286 32.85 -13.30 7.37
C ILE A 286 33.68 -12.08 7.71
N CYS A 287 33.16 -11.24 8.63
CA CYS A 287 33.78 -9.98 9.02
C CYS A 287 34.73 -10.19 10.20
N ASP A 288 35.42 -9.13 10.59
CA ASP A 288 36.35 -9.23 11.72
C ASP A 288 35.56 -9.26 13.01
N ILE A 289 36.18 -9.79 14.06
CA ILE A 289 35.52 -9.90 15.37
C ILE A 289 35.80 -8.58 16.09
N GLU A 290 35.04 -7.56 15.73
CA GLU A 290 35.16 -6.24 16.31
C GLU A 290 33.78 -5.60 16.35
N PRO A 291 33.56 -4.65 17.27
CA PRO A 291 32.20 -4.11 17.46
C PRO A 291 31.61 -3.51 16.19
N THR A 292 32.39 -2.69 15.47
CA THR A 292 31.86 -2.00 14.30
C THR A 292 31.70 -2.90 13.09
N GLU A 293 32.44 -3.99 13.03
CA GLU A 293 32.35 -4.90 11.90
C GLU A 293 31.16 -5.88 12.03
N ILE A 294 30.95 -6.49 13.20
CA ILE A 294 29.72 -7.24 13.44
C ILE A 294 28.50 -6.40 13.08
N GLU A 295 28.55 -5.10 13.40
CA GLU A 295 27.38 -4.23 13.21
C GLU A 295 27.12 -3.85 11.74
N ASN A 296 28.17 -3.71 10.92
CA ASN A 296 27.92 -3.44 9.50
C ASN A 296 27.25 -4.65 8.85
N ASN A 297 27.82 -5.85 9.09
CA ASN A 297 27.32 -7.07 8.47
C ASN A 297 25.86 -7.33 8.86
N LEU A 298 25.52 -7.17 10.14
CA LEU A 298 24.11 -7.35 10.52
C LEU A 298 23.24 -6.33 9.81
N GLN A 299 23.80 -5.16 9.45
CA GLN A 299 23.05 -4.09 8.81
C GLN A 299 23.08 -4.17 7.29
N HIS A 300 23.96 -5.00 6.74
CA HIS A 300 24.12 -5.20 5.32
C HIS A 300 22.81 -5.58 4.66
N ARG A 301 22.73 -5.41 3.35
CA ARG A 301 21.48 -5.77 2.71
C ARG A 301 21.31 -7.28 2.53
N ASP A 302 22.42 -8.03 2.56
CA ASP A 302 22.46 -9.45 2.19
C ASP A 302 22.63 -10.38 3.39
N GLU A 303 21.83 -11.44 3.43
CA GLU A 303 21.82 -12.41 4.53
C GLU A 303 23.14 -13.14 4.67
N ALA A 304 23.83 -13.39 3.55
CA ALA A 304 25.14 -14.02 3.65
C ALA A 304 26.08 -13.17 4.52
N ARG A 305 26.16 -11.87 4.22
CA ARG A 305 26.93 -10.97 5.07
C ARG A 305 26.43 -10.98 6.50
N GLN A 306 25.10 -10.96 6.69
CA GLN A 306 24.53 -10.91 8.04
C GLN A 306 24.91 -12.14 8.83
N TYR A 307 24.92 -13.30 8.17
CA TYR A 307 25.32 -14.49 8.90
C TYR A 307 26.78 -14.40 9.36
N GLY A 308 27.63 -13.75 8.57
CA GLY A 308 29.02 -13.58 8.97
C GLY A 308 29.18 -12.67 10.16
N GLY A 309 28.36 -11.63 10.24
CA GLY A 309 28.37 -10.78 11.41
C GLY A 309 27.93 -11.52 12.66
N ALA A 310 26.76 -12.16 12.59
CA ALA A 310 26.33 -13.04 13.66
C ALA A 310 27.32 -14.18 13.89
N SER A 311 28.02 -14.62 12.84
CA SER A 311 29.07 -15.62 13.00
C SER A 311 30.16 -15.11 13.91
N SER A 312 30.62 -13.87 13.67
CA SER A 312 31.75 -13.39 14.45
C SER A 312 31.31 -12.85 15.79
N LEU A 313 30.05 -12.41 15.90
CA LEU A 313 29.55 -12.00 17.21
C LEU A 313 29.64 -13.14 18.20
N ALA A 315 31.67 -15.52 18.04
CA ALA A 315 33.09 -15.82 18.20
C ALA A 315 33.77 -14.93 19.22
N PRO A 317 34.74 -13.16 22.66
CA PRO A 317 34.74 -13.58 24.07
C PRO A 317 33.53 -13.05 24.84
N LYS A 318 33.07 -13.85 25.79
CA LYS A 318 31.72 -13.67 26.33
C LYS A 318 31.52 -12.28 26.92
N ALA A 319 32.52 -11.76 27.64
CA ALA A 319 32.37 -10.49 28.35
C ALA A 319 32.03 -9.34 27.40
N GLU A 320 32.80 -9.21 26.31
CA GLU A 320 32.52 -8.12 25.37
C GLU A 320 31.26 -8.41 24.60
N ARG A 321 30.94 -9.68 24.40
CA ARG A 321 29.72 -10.03 23.71
C ARG A 321 28.52 -9.46 24.47
N ILE A 323 27.99 -7.02 26.25
CA ILE A 323 27.76 -5.60 26.04
C ILE A 323 27.49 -5.31 24.56
N LEU A 324 28.28 -5.89 23.64
CA LEU A 324 28.00 -5.66 22.23
C LEU A 324 26.56 -6.05 21.92
N ILE A 325 26.14 -7.22 22.40
CA ILE A 325 24.75 -7.63 22.25
C ILE A 325 23.82 -6.56 22.79
N ASN A 326 24.13 -6.02 23.96
CA ASN A 326 23.22 -5.06 24.54
C ASN A 326 23.18 -3.76 23.75
N GLU A 327 24.34 -3.23 23.40
CA GLU A 327 24.30 -1.94 22.70
C GLU A 327 23.60 -2.08 21.35
N ILE A 328 23.94 -3.14 20.60
CA ILE A 328 23.27 -3.40 19.33
C ILE A 328 21.76 -3.48 19.52
N LYS A 329 21.33 -4.12 20.60
CA LYS A 329 19.89 -4.29 20.83
C LYS A 329 19.22 -2.96 21.10
N GLU A 330 19.78 -2.17 22.00
CA GLU A 330 19.06 -0.93 22.26
C GLU A 330 19.05 -0.02 21.04
N LYS A 331 19.91 -0.28 20.04
CA LYS A 331 20.01 0.49 18.81
C LYS A 331 19.02 0.06 17.72
N LEU A 332 18.79 -1.26 17.57
CA LEU A 332 18.12 -1.79 16.40
C LEU A 332 17.09 -2.88 16.70
N TRP A 333 16.60 -2.96 17.92
CA TRP A 333 15.71 -4.08 18.24
C TRP A 333 14.47 -4.04 17.38
N SER A 334 14.06 -2.86 16.90
CA SER A 334 12.90 -2.81 16.01
C SER A 334 13.22 -3.24 14.58
N ASP A 335 14.50 -3.27 14.21
CA ASP A 335 14.88 -3.83 12.91
C ASP A 335 14.67 -5.34 12.93
N TYR A 336 13.67 -5.83 12.19
CA TYR A 336 13.37 -7.25 12.21
C TYR A 336 14.59 -8.10 11.85
N VAL A 337 15.49 -7.59 11.01
CA VAL A 337 16.70 -8.32 10.67
C VAL A 337 17.59 -8.46 11.90
N THR A 338 17.93 -7.33 12.55
CA THR A 338 18.77 -7.41 13.74
C THR A 338 18.05 -8.09 14.90
N HIS A 339 16.74 -7.90 15.02
CA HIS A 339 15.96 -8.56 16.06
C HIS A 339 16.05 -10.08 15.98
N TYR A 340 16.20 -10.64 14.77
CA TYR A 340 16.31 -12.10 14.61
C TYR A 340 17.68 -12.61 15.04
N TYR A 341 18.77 -11.99 14.55
CA TYR A 341 20.09 -12.50 14.85
C TYR A 341 20.46 -12.31 16.32
N LEU A 342 19.90 -11.30 16.97
CA LEU A 342 20.07 -11.18 18.41
C LEU A 342 19.42 -12.35 19.13
N THR A 343 18.13 -12.59 18.85
CA THR A 343 17.45 -13.68 19.52
C THR A 343 18.17 -15.01 19.30
N ALA A 344 18.59 -15.27 18.05
CA ALA A 344 19.28 -16.53 17.72
C ALA A 344 20.60 -16.69 18.48
N VAL A 345 21.43 -15.64 18.52
CA VAL A 345 22.72 -15.75 19.20
C VAL A 345 22.53 -16.05 20.69
N VAL A 346 21.57 -15.39 21.34
CA VAL A 346 21.29 -15.68 22.75
C VAL A 346 20.84 -17.13 22.94
N GLY A 347 19.96 -17.62 22.06
CA GLY A 347 19.47 -18.97 22.21
C GLY A 347 20.46 -20.03 21.79
N LEU A 348 21.22 -19.77 20.72
CA LEU A 348 22.14 -20.79 20.21
C LEU A 348 23.28 -21.03 21.20
N GLN A 349 23.80 -19.96 21.80
CA GLN A 349 24.89 -20.05 22.76
C GLN A 349 24.42 -20.29 24.18
N GLY A 350 23.12 -20.16 24.45
CA GLY A 350 22.62 -20.35 25.80
C GLY A 350 23.05 -19.28 26.78
N LEU A 351 23.00 -18.01 26.37
CA LEU A 351 23.40 -16.88 27.21
C LEU A 351 22.26 -16.61 28.16
N GLU A 352 22.33 -17.24 29.33
CA GLU A 352 21.28 -17.07 30.33
C GLU A 352 21.14 -15.63 30.78
N GLU A 353 22.21 -14.83 30.72
CA GLU A 353 22.11 -13.44 31.17
C GLU A 353 21.14 -12.62 30.32
N ARG A 354 20.91 -13.02 29.07
CA ARG A 354 19.97 -12.32 28.21
C ARG A 354 18.75 -13.17 27.93
N SER A 355 18.26 -13.88 28.97
CA SER A 355 17.01 -14.63 28.91
C SER A 355 15.81 -13.74 28.61
N ASP A 356 15.96 -12.43 28.82
CA ASP A 356 14.83 -11.54 28.59
C ASP A 356 14.51 -11.43 27.10
N LEU A 357 15.52 -11.49 26.22
CA LEU A 357 15.28 -11.39 24.78
C LEU A 357 14.56 -12.63 24.24
N ILE A 358 14.83 -13.81 24.82
CA ILE A 358 14.18 -15.04 24.38
C ILE A 358 12.70 -14.98 24.71
N ARG A 359 12.34 -14.35 25.84
CA ARG A 359 10.95 -14.19 26.23
C ARG A 359 10.26 -13.06 25.45
N LEU A 360 10.99 -11.98 25.18
CA LEU A 360 10.45 -10.90 24.35
C LEU A 360 10.10 -11.38 22.97
N ALA A 361 11.05 -12.08 22.32
CA ALA A 361 10.86 -12.55 20.94
C ALA A 361 9.73 -13.57 20.85
N LEU A 362 9.62 -14.47 21.82
CA LEU A 362 8.54 -15.44 21.77
C LEU A 362 7.18 -14.76 21.92
N ALA A 363 7.10 -13.67 22.66
CA ALA A 363 5.85 -12.95 22.83
C ALA A 363 5.54 -12.01 21.65
N GLU A 364 6.46 -11.89 20.70
CA GLU A 364 6.36 -10.90 19.64
C GLU A 364 5.20 -11.23 18.72
N THR A 365 4.17 -10.42 18.77
CA THR A 365 3.00 -10.69 17.96
C THR A 365 3.01 -9.96 16.63
N ILE A 366 3.97 -9.06 16.40
CA ILE A 366 4.01 -8.36 15.10
C ILE A 366 4.55 -9.31 14.04
N PRO A 367 3.80 -9.54 12.97
CA PRO A 367 4.13 -10.65 12.07
C PRO A 367 5.51 -10.57 11.43
N GLN A 368 6.08 -9.37 11.32
CA GLN A 368 7.39 -9.26 10.70
C GLN A 368 8.45 -10.09 11.46
N TYR A 369 8.38 -10.14 12.79
CA TYR A 369 9.41 -10.76 13.63
C TYR A 369 9.20 -12.25 13.83
N THR A 370 8.54 -12.92 12.89
CA THR A 370 8.17 -14.32 13.13
C THR A 370 9.41 -15.20 13.28
N LYS A 371 10.39 -15.05 12.40
CA LYS A 371 11.55 -15.93 12.46
C LYS A 371 12.16 -15.91 13.86
N SER A 372 11.98 -14.78 14.55
CA SER A 372 12.55 -14.59 15.88
C SER A 372 11.81 -15.43 16.93
N ARG A 373 10.50 -15.64 16.74
CA ARG A 373 9.80 -16.58 17.59
C ARG A 373 10.40 -17.98 17.46
N ILE A 374 10.82 -18.36 16.25
CA ILE A 374 11.52 -19.64 16.07
C ILE A 374 12.82 -19.68 16.86
N ALA A 375 13.64 -18.62 16.72
CA ALA A 375 14.89 -18.61 17.48
C ALA A 375 14.61 -18.62 18.97
N ALA A 376 13.54 -17.94 19.39
CA ALA A 376 13.19 -17.90 20.81
C ALA A 376 12.70 -19.25 21.31
N ALA A 377 11.90 -19.96 20.50
CA ALA A 377 11.44 -21.28 20.90
C ALA A 377 12.60 -22.24 21.06
N TRP A 378 13.58 -22.18 20.17
CA TRP A 378 14.77 -23.02 20.36
C TRP A 378 15.59 -22.55 21.55
N GLY A 379 15.52 -21.26 21.88
CA GLY A 379 16.24 -20.75 23.04
C GLY A 379 15.63 -21.18 24.34
N CYS A 380 14.29 -21.27 24.39
CA CYS A 380 13.66 -21.77 25.61
C CYS A 380 14.04 -23.22 25.88
N LEU A 381 14.18 -24.03 24.83
CA LEU A 381 14.63 -25.40 25.05
C LEU A 381 16.08 -25.41 25.51
N ARG A 382 16.94 -24.67 24.83
CA ARG A 382 18.35 -24.62 25.21
C ARG A 382 18.53 -24.10 26.64
N LEU A 383 17.75 -23.10 27.03
CA LEU A 383 17.88 -22.51 28.36
C LEU A 383 16.98 -23.18 29.40
N GLY A 384 16.04 -24.03 28.98
CA GLY A 384 15.13 -24.61 29.96
C GLY A 384 14.12 -23.65 30.54
N LEU A 385 13.59 -22.73 29.72
CA LEU A 385 12.63 -21.73 30.18
C LEU A 385 11.23 -22.36 30.20
N VAL A 386 11.03 -23.24 31.20
CA VAL A 386 9.77 -23.97 31.34
C VAL A 386 8.60 -23.06 31.71
N ASP A 387 8.86 -21.83 32.19
CA ASP A 387 7.73 -20.92 32.43
C ASP A 387 7.05 -20.50 31.13
N GLN A 388 7.72 -20.63 29.99
CA GLN A 388 7.18 -20.25 28.70
C GLN A 388 6.25 -21.32 28.09
N LYS A 389 6.10 -22.48 28.71
CA LYS A 389 5.24 -23.54 28.17
C LYS A 389 3.83 -23.07 27.84
N PRO A 390 3.13 -22.32 28.69
CA PRO A 390 1.79 -21.82 28.30
C PRO A 390 1.79 -20.97 27.04
N LEU A 391 2.93 -20.42 26.64
CA LEU A 391 2.99 -19.70 25.37
C LEU A 391 3.41 -20.61 24.22
N LEU A 392 4.31 -21.57 24.48
CA LEU A 392 4.61 -22.57 23.47
C LEU A 392 3.39 -23.43 23.22
N GLU A 393 2.69 -23.86 24.29
CA GLU A 393 1.48 -24.66 24.08
C GLU A 393 0.47 -23.90 23.25
N GLU A 394 0.42 -22.57 23.39
CA GLU A 394 -0.49 -21.77 22.59
C GLU A 394 -0.11 -21.81 21.12
N LEU A 395 1.17 -21.58 20.80
CA LEU A 395 1.62 -21.56 19.41
C LEU A 395 1.58 -22.96 18.79
N SER A 396 1.86 -24.00 19.57
CA SER A 396 1.82 -25.36 19.05
C SER A 396 0.49 -25.69 18.41
N VAL A 397 -0.56 -24.93 18.71
CA VAL A 397 -1.89 -25.22 18.23
C VAL A 397 -2.45 -24.15 17.30
N SER A 398 -2.08 -22.88 17.48
CA SER A 398 -2.70 -21.80 16.74
C SER A 398 -1.71 -20.91 16.00
N ALA A 399 -0.41 -21.17 16.11
CA ALA A 399 0.55 -20.41 15.32
C ALA A 399 0.27 -20.63 13.85
N PHE A 400 0.11 -19.54 13.10
CA PHE A 400 -0.36 -19.64 11.73
C PHE A 400 0.68 -20.27 10.82
N TRP A 401 1.95 -19.92 11.01
CA TRP A 401 3.05 -20.38 10.15
C TRP A 401 3.57 -21.77 10.55
N LEU A 402 3.62 -22.70 9.59
CA LEU A 402 3.98 -24.10 9.90
C LEU A 402 5.31 -24.28 10.59
N PRO A 403 6.45 -23.78 10.09
CA PRO A 403 7.72 -24.01 10.80
C PRO A 403 7.71 -23.48 12.23
N LEU A 404 6.85 -22.51 12.54
CA LEU A 404 6.71 -22.04 13.92
C LEU A 404 5.83 -22.98 14.75
N LYS A 405 4.68 -23.37 14.19
CA LYS A 405 3.78 -24.30 14.85
C LYS A 405 4.50 -25.61 15.17
N TRP A 406 5.35 -26.05 14.25
CA TRP A 406 6.05 -27.30 14.45
C TRP A 406 7.21 -27.16 15.42
N THR A 407 7.83 -25.98 15.48
CA THR A 407 8.96 -25.79 16.37
C THR A 407 8.51 -25.87 17.81
N CYS A 408 7.42 -25.18 18.12
CA CYS A 408 6.91 -25.19 19.48
C CYS A 408 6.50 -26.60 19.89
N GLN A 409 5.95 -27.38 18.96
CA GLN A 409 5.61 -28.76 19.26
C GLN A 409 6.87 -29.56 19.64
N ARG A 410 7.96 -29.40 18.89
CA ARG A 410 9.19 -30.16 19.20
C ARG A 410 9.76 -29.76 20.55
N VAL A 411 9.73 -28.46 20.86
CA VAL A 411 10.27 -27.98 22.14
C VAL A 411 9.43 -28.49 23.31
N LEU A 412 8.10 -28.46 23.17
CA LEU A 412 7.24 -28.94 24.23
C LEU A 412 7.51 -30.40 24.60
N LYS A 413 7.69 -31.27 23.60
CA LYS A 413 7.84 -32.68 23.93
C LYS A 413 9.15 -33.00 24.63
N GLN A 414 10.14 -32.09 24.59
CA GLN A 414 11.41 -32.30 25.28
C GLN A 414 11.76 -31.16 26.24
N LEU A 415 10.87 -30.20 26.42
CA LEU A 415 11.04 -29.21 27.48
C LEU A 415 10.72 -29.86 28.81
N SER A 416 11.71 -29.91 29.70
CA SER A 416 11.57 -30.63 30.97
C SER A 416 11.29 -29.72 32.16
N ASP B 13 -14.17 3.66 17.09
CA ASP B 13 -14.21 3.11 15.72
C ASP B 13 -15.65 2.73 15.32
N PRO B 14 -16.10 3.16 14.13
CA PRO B 14 -17.47 2.86 13.69
C PRO B 14 -17.70 1.42 13.20
N ASN B 15 -16.67 0.55 13.18
CA ASN B 15 -16.91 -0.83 12.76
C ASN B 15 -17.74 -1.60 13.78
N SER B 16 -17.71 -1.17 15.04
CA SER B 16 -18.46 -1.81 16.11
C SER B 16 -19.92 -1.40 16.17
N SER B 17 -20.26 -0.22 15.63
CA SER B 17 -21.63 0.27 15.58
C SER B 17 -22.29 -0.03 14.24
N SER B 18 -21.71 -0.93 13.43
CA SER B 18 -22.23 -1.15 12.08
C SER B 18 -22.02 -2.60 11.69
N ALA B 20 -21.67 -3.40 8.34
CA ALA B 20 -20.72 -3.34 7.25
C ALA B 20 -19.32 -3.25 7.85
N GLU B 21 -18.35 -3.78 7.13
CA GLU B 21 -17.01 -3.95 7.66
C GLU B 21 -16.02 -3.19 6.79
N ARG B 22 -15.40 -2.17 7.38
CA ARG B 22 -14.32 -1.42 6.74
C ARG B 22 -12.99 -2.08 7.13
N PHE B 23 -12.27 -2.61 6.14
CA PHE B 23 -11.03 -3.33 6.38
C PHE B 23 -9.87 -2.38 6.14
N ASP B 24 -9.08 -2.11 7.17
CA ASP B 24 -7.86 -1.38 6.99
C ASP B 24 -6.75 -2.31 6.54
N ASN B 25 -5.75 -1.75 5.85
CA ASN B 25 -4.60 -2.50 5.37
C ASN B 25 -3.38 -1.94 6.11
N LEU B 26 -3.00 -2.62 7.19
CA LEU B 26 -1.83 -2.28 8.00
C LEU B 26 -0.64 -3.10 7.51
N VAL B 27 0.36 -2.44 6.96
CA VAL B 27 1.59 -3.10 6.55
C VAL B 27 2.72 -2.62 7.46
N GLU B 28 3.51 -3.56 7.96
CA GLU B 28 4.59 -3.24 8.89
C GLU B 28 5.79 -2.74 8.11
N GLY B 29 6.19 -1.50 8.37
CA GLY B 29 7.30 -0.91 7.66
C GLY B 29 8.65 -1.35 8.18
N LEU B 30 9.64 -0.51 7.94
CA LEU B 30 11.03 -0.79 8.28
C LEU B 30 11.58 0.29 9.19
N THR B 31 12.79 0.05 9.72
CA THR B 31 13.52 1.14 10.33
C THR B 31 14.12 1.99 9.22
N GLU B 32 14.83 3.06 9.62
CA GLU B 32 15.44 3.94 8.63
C GLU B 32 16.70 3.35 8.04
N GLU B 33 17.51 2.67 8.86
CA GLU B 33 18.77 2.08 8.40
C GLU B 33 18.55 0.83 7.54
N ARG B 34 17.48 0.07 7.79
CA ARG B 34 17.21 -1.10 6.96
C ARG B 34 16.65 -0.68 5.61
N ALA B 35 15.80 0.34 5.58
CA ALA B 35 15.27 0.85 4.31
C ALA B 35 16.40 1.30 3.40
N ALA B 37 19.58 0.32 3.21
CA ALA B 37 20.37 -0.78 2.66
C ALA B 37 19.62 -1.52 1.55
N VAL B 38 18.31 -1.72 1.70
CA VAL B 38 17.57 -2.50 0.72
C VAL B 38 16.96 -1.70 -0.44
N ILE B 39 16.82 -0.38 -0.31
CA ILE B 39 16.05 0.34 -1.33
C ILE B 39 16.73 0.25 -2.69
N LEU B 40 18.03 -0.01 -2.71
CA LEU B 40 18.76 -0.06 -3.95
C LEU B 40 19.18 -1.47 -4.34
N ALA B 41 19.03 -2.45 -3.46
CA ALA B 41 19.49 -3.80 -3.78
C ALA B 41 18.65 -4.40 -4.90
N ASP B 42 19.14 -5.53 -5.42
CA ASP B 42 18.38 -6.26 -6.41
C ASP B 42 17.37 -7.19 -5.73
N PRO B 43 16.07 -7.01 -5.94
CA PRO B 43 15.08 -7.89 -5.27
C PRO B 43 15.21 -9.35 -5.64
N ASP B 44 16.08 -9.68 -6.59
CA ASP B 44 16.46 -11.07 -6.77
C ASP B 44 17.20 -11.55 -5.54
N SER B 45 17.75 -10.61 -4.75
CA SER B 45 18.62 -10.92 -3.62
C SER B 45 18.00 -10.62 -2.25
N LEU B 46 16.75 -10.17 -2.20
CA LEU B 46 16.18 -9.76 -0.93
C LEU B 46 15.36 -10.88 -0.30
N GLU B 47 15.43 -10.99 1.03
CA GLU B 47 14.59 -11.89 1.80
C GLU B 47 13.12 -11.60 1.57
N ARG B 48 12.72 -10.34 1.83
CA ARG B 48 11.38 -9.83 1.56
C ARG B 48 11.45 -8.76 0.47
N PRO B 49 11.22 -9.12 -0.79
CA PRO B 49 11.42 -8.15 -1.89
C PRO B 49 10.53 -6.96 -1.78
N VAL B 50 9.37 -7.10 -1.12
CA VAL B 50 8.44 -6.00 -0.96
C VAL B 50 9.04 -4.86 -0.16
N ASP B 51 10.12 -5.12 0.59
CA ASP B 51 10.78 -4.08 1.37
C ASP B 51 11.31 -2.94 0.51
N LYS B 52 11.41 -3.11 -0.82
CA LYS B 52 11.89 -2.03 -1.66
C LYS B 52 10.87 -0.91 -1.78
N TYR B 53 9.58 -1.24 -1.65
CA TYR B 53 8.58 -0.20 -1.77
C TYR B 53 8.45 0.58 -0.48
N ALA B 55 10.66 0.96 1.67
CA ALA B 55 11.90 1.69 1.94
C ALA B 55 11.87 3.10 1.36
N ALA B 56 11.16 3.29 0.25
CA ALA B 56 11.00 4.63 -0.30
C ALA B 56 10.09 5.48 0.57
N THR B 57 8.97 4.90 1.01
CA THR B 57 8.05 5.58 1.90
C THR B 57 8.70 5.88 3.25
N ARG B 58 9.46 4.92 3.79
CA ARG B 58 10.09 5.11 5.09
C ARG B 58 11.09 6.28 5.05
N LEU B 59 11.84 6.40 3.96
CA LEU B 59 12.76 7.52 3.84
C LEU B 59 12.02 8.84 3.61
N GLY B 60 10.76 8.81 3.17
CA GLY B 60 9.98 10.03 3.11
C GLY B 60 9.61 10.56 4.48
N ALA B 61 9.59 9.71 5.50
CA ALA B 61 9.30 10.09 6.88
C ALA B 61 10.55 10.28 7.74
N SER B 62 11.74 10.19 7.16
CA SER B 62 12.97 10.40 7.90
C SER B 62 13.41 11.86 7.73
N ASN B 63 14.60 12.19 8.25
CA ASN B 63 15.02 13.59 8.26
C ASN B 63 16.44 13.87 7.81
N SER B 64 17.30 12.88 7.62
CA SER B 64 18.72 13.15 7.44
C SER B 64 19.11 13.43 5.99
N GLU B 65 20.29 14.03 5.86
CA GLU B 65 20.88 14.26 4.55
C GLU B 65 21.30 12.95 3.89
N GLU B 66 21.78 11.97 4.67
CA GLU B 66 22.17 10.71 4.05
C GLU B 66 20.96 10.04 3.41
N SER B 67 19.82 10.02 4.11
CA SER B 67 18.67 9.35 3.55
C SER B 67 18.15 10.08 2.34
N LEU B 68 18.34 11.40 2.30
CA LEU B 68 17.91 12.16 1.12
C LEU B 68 18.76 11.79 -0.09
N ASP B 69 20.05 11.53 0.09
CA ASP B 69 20.80 11.20 -1.10
C ASP B 69 20.71 9.72 -1.48
N VAL B 70 20.10 8.88 -0.63
CA VAL B 70 19.69 7.53 -1.04
C VAL B 70 18.38 7.57 -1.82
N LEU B 71 17.42 8.42 -1.37
CA LEU B 71 16.18 8.64 -2.11
C LEU B 71 16.47 9.18 -3.50
N ILE B 72 17.46 10.07 -3.61
CA ILE B 72 17.84 10.59 -4.92
C ILE B 72 18.36 9.47 -5.81
N GLN B 73 19.04 8.49 -5.20
CA GLN B 73 19.52 7.37 -5.99
C GLN B 73 18.38 6.46 -6.39
N ALA B 74 17.38 6.30 -5.54
CA ALA B 74 16.24 5.50 -5.94
C ALA B 74 15.38 6.19 -7.01
N ALA B 75 15.30 7.52 -7.01
CA ALA B 75 14.57 8.25 -8.05
C ALA B 75 15.29 8.22 -9.38
N GLU B 76 16.57 7.82 -9.35
CA GLU B 76 17.38 7.71 -10.55
C GLU B 76 17.66 6.25 -10.82
N LEU B 77 16.75 5.42 -10.33
CA LEU B 77 16.91 3.97 -10.41
C LEU B 77 16.74 3.53 -11.85
N ASP B 78 17.51 2.51 -12.20
CA ASP B 78 17.60 2.03 -13.57
C ASP B 78 16.24 1.53 -14.06
N PRO B 79 15.65 2.11 -15.07
CA PRO B 79 14.33 1.64 -15.48
C PRO B 79 14.45 0.40 -16.33
N GLU B 80 15.55 -0.36 -16.22
CA GLU B 80 15.78 -1.51 -17.11
C GLU B 80 14.56 -2.45 -17.19
N HIS B 81 13.63 -2.40 -16.22
CA HIS B 81 12.47 -3.29 -16.32
C HIS B 81 11.40 -3.05 -15.26
N LEU B 82 11.06 -4.10 -14.51
CA LEU B 82 9.84 -4.20 -13.71
C LEU B 82 9.99 -3.89 -12.24
N PHE B 83 11.00 -4.41 -11.53
CA PHE B 83 10.92 -4.23 -10.08
C PHE B 83 11.40 -2.85 -9.63
N ASN B 84 12.26 -2.20 -10.42
CA ASN B 84 12.82 -0.92 -10.03
C ASN B 84 11.92 0.27 -10.41
N ARG B 85 10.98 0.10 -11.36
CA ARG B 85 10.10 1.21 -11.73
C ARG B 85 9.05 1.49 -10.66
N ILE B 86 8.52 0.46 -10.01
CA ILE B 86 7.64 0.71 -8.87
C ILE B 86 8.41 1.39 -7.75
N THR B 87 9.63 0.92 -7.48
CA THR B 87 10.46 1.54 -6.45
C THR B 87 10.75 3.00 -6.78
N ARG B 88 10.96 3.29 -8.05
CA ARG B 88 11.19 4.68 -8.45
C ARG B 88 9.95 5.57 -8.31
N ARG B 89 8.75 5.03 -8.52
CA ARG B 89 7.56 5.88 -8.38
C ARG B 89 7.41 6.33 -6.93
N LYS B 90 7.74 5.45 -6.00
CA LYS B 90 7.58 5.76 -4.59
C LYS B 90 8.74 6.61 -4.09
N ALA B 91 9.93 6.49 -4.70
CA ALA B 91 11.03 7.36 -4.35
C ALA B 91 10.76 8.80 -4.78
N ILE B 92 9.98 8.98 -5.83
CA ILE B 92 9.72 10.32 -6.34
C ILE B 92 8.62 10.99 -5.53
N ASP B 93 7.60 10.22 -5.10
CA ASP B 93 6.67 10.73 -4.09
C ASP B 93 7.40 11.00 -2.78
N ALA B 94 8.43 10.19 -2.47
CA ALA B 94 9.22 10.40 -1.28
C ALA B 94 10.01 11.71 -1.36
N LEU B 95 10.56 12.02 -2.52
CA LEU B 95 11.29 13.28 -2.69
C LEU B 95 10.35 14.49 -2.74
N GLY B 96 9.08 14.30 -3.13
CA GLY B 96 8.11 15.39 -3.02
C GLY B 96 7.71 15.68 -1.57
N ARG B 97 7.55 14.63 -0.76
CA ARG B 97 7.22 14.79 0.66
C ARG B 97 8.35 15.45 1.43
N ARG B 98 9.61 15.13 1.07
CA ARG B 98 10.76 15.69 1.76
C ARG B 98 10.88 17.19 1.49
N LYS B 99 10.35 17.66 0.36
CA LYS B 99 10.29 19.08 0.00
C LYS B 99 11.68 19.70 -0.12
N SER B 100 12.68 18.91 -0.52
CA SER B 100 14.00 19.53 -0.64
C SER B 100 14.36 19.81 -2.10
N PRO B 101 15.00 20.95 -2.39
CA PRO B 101 15.40 21.26 -3.79
C PRO B 101 16.50 20.37 -4.36
N LYS B 102 17.22 19.58 -3.56
CA LYS B 102 18.26 18.70 -4.11
C LYS B 102 17.64 17.64 -5.01
N ALA B 103 16.36 17.34 -4.81
CA ALA B 103 15.61 16.35 -5.60
C ALA B 103 15.34 16.81 -7.02
N LEU B 104 15.40 18.10 -7.29
CA LEU B 104 15.01 18.58 -8.61
C LEU B 104 15.81 17.97 -9.75
N PRO B 105 17.16 17.83 -9.67
CA PRO B 105 17.88 17.15 -10.78
C PRO B 105 17.38 15.74 -11.09
N SER B 106 17.17 14.88 -10.07
CA SER B 106 16.61 13.55 -10.30
C SER B 106 15.22 13.62 -10.87
N LEU B 107 14.37 14.45 -10.28
CA LEU B 107 12.98 14.51 -10.72
C LEU B 107 12.88 14.99 -12.16
N PHE B 108 13.81 15.85 -12.60
CA PHE B 108 13.73 16.34 -13.97
C PHE B 108 14.12 15.28 -14.99
N LYS B 109 15.01 14.36 -14.62
CA LYS B 109 15.26 13.24 -15.52
C LYS B 109 14.02 12.38 -15.66
N ALA B 110 13.30 12.18 -14.56
CA ALA B 110 12.08 11.40 -14.61
C ALA B 110 11.06 11.98 -15.58
N LEU B 111 11.05 13.31 -15.76
CA LEU B 111 10.14 13.92 -16.73
C LEU B 111 10.37 13.34 -18.13
N LYS B 112 11.62 12.96 -18.45
CA LYS B 112 11.99 12.45 -19.77
C LYS B 112 11.72 10.95 -19.93
N CYS B 113 10.95 10.33 -19.05
CA CYS B 113 10.88 8.88 -19.02
C CYS B 113 9.61 8.40 -19.70
N SER B 114 9.52 7.06 -19.83
CA SER B 114 8.37 6.40 -20.45
C SER B 114 7.23 6.19 -19.43
N ASP B 115 7.54 5.58 -18.28
CA ASP B 115 6.58 5.42 -17.19
C ASP B 115 5.93 6.77 -16.91
N GLU B 116 4.69 6.94 -17.37
CA GLU B 116 4.05 8.25 -17.27
C GLU B 116 3.44 8.46 -15.91
N ALA B 117 3.48 7.43 -15.05
CA ALA B 117 3.05 7.58 -13.67
C ALA B 117 4.15 8.28 -12.86
N ALA B 118 5.41 7.92 -13.13
CA ALA B 118 6.53 8.63 -12.51
C ALA B 118 6.76 9.99 -13.14
N VAL B 119 6.29 10.20 -14.38
CA VAL B 119 6.31 11.53 -14.95
C VAL B 119 5.32 12.43 -14.22
N ILE B 120 4.10 11.94 -14.02
CA ILE B 120 3.11 12.74 -13.31
C ILE B 120 3.54 12.89 -11.86
N ASN B 121 4.15 11.85 -11.28
CA ASN B 121 4.63 12.01 -9.91
C ASN B 121 5.71 13.07 -9.86
N SER B 122 6.61 13.05 -10.86
CA SER B 122 7.74 13.95 -10.84
C SER B 122 7.25 15.38 -10.91
N VAL B 123 6.28 15.64 -11.79
CA VAL B 123 5.64 16.95 -11.88
C VAL B 123 5.05 17.34 -10.52
N GLU B 124 4.17 16.48 -9.98
CA GLU B 124 3.57 16.74 -8.67
C GLU B 124 4.65 16.92 -7.60
N ALA B 125 5.74 16.15 -7.69
CA ALA B 125 6.82 16.32 -6.74
C ALA B 125 7.53 17.65 -6.93
N ILE B 126 7.77 18.04 -8.18
CA ILE B 126 8.44 19.30 -8.47
C ILE B 126 7.59 20.48 -7.99
N THR B 127 6.26 20.39 -8.15
CA THR B 127 5.43 21.45 -7.60
C THR B 127 5.46 21.45 -6.06
N LYS B 128 5.44 20.28 -5.42
CA LYS B 128 5.46 20.24 -3.96
C LYS B 128 6.71 20.91 -3.37
N ILE B 129 7.86 20.76 -4.01
CA ILE B 129 9.12 21.28 -3.47
C ILE B 129 9.10 22.80 -3.46
N ASP B 130 8.31 23.39 -4.36
CA ASP B 130 8.07 24.83 -4.43
C ASP B 130 9.39 25.61 -4.44
N ALA B 131 10.41 24.97 -5.01
CA ALA B 131 11.75 25.51 -5.12
C ALA B 131 11.83 26.56 -6.22
N PRO B 132 12.91 27.35 -6.26
CA PRO B 132 13.12 28.28 -7.38
C PRO B 132 13.65 27.53 -8.59
N LEU B 133 12.86 27.51 -9.65
CA LEU B 133 13.26 26.86 -10.88
C LEU B 133 13.92 27.89 -11.80
N THR B 134 14.89 27.44 -12.59
CA THR B 134 15.50 28.32 -13.56
C THR B 134 14.72 28.24 -14.89
N GLU B 135 14.96 29.20 -15.80
CA GLU B 135 14.19 29.21 -17.04
C GLU B 135 14.42 27.93 -17.83
N ALA B 136 15.67 27.45 -17.85
CA ALA B 136 15.94 26.19 -18.50
C ALA B 136 15.11 25.06 -17.88
N ASP B 137 14.86 25.14 -16.57
CA ASP B 137 13.95 24.19 -15.93
C ASP B 137 12.55 24.31 -16.48
N HIS B 138 12.12 25.52 -16.81
CA HIS B 138 10.76 25.69 -17.30
C HIS B 138 10.61 25.02 -18.66
N GLU B 139 11.72 24.91 -19.38
CA GLU B 139 11.71 24.32 -20.71
C GLU B 139 11.58 22.80 -20.62
N LYS B 140 12.23 22.19 -19.62
CA LYS B 140 12.14 20.75 -19.46
C LYS B 140 10.72 20.31 -19.09
N LEU B 141 10.12 21.03 -18.15
CA LEU B 141 8.73 20.82 -17.77
C LEU B 141 7.78 21.15 -18.90
N LEU B 142 8.20 21.96 -19.87
CA LEU B 142 7.35 22.27 -21.01
C LEU B 142 7.33 21.15 -22.02
N GLU B 143 8.42 20.38 -22.09
CA GLU B 143 8.40 19.18 -22.90
C GLU B 143 7.35 18.23 -22.37
N ALA B 144 7.23 18.14 -21.04
CA ALA B 144 6.22 17.27 -20.44
C ALA B 144 4.83 17.72 -20.84
N LEU B 145 4.64 19.00 -21.16
CA LEU B 145 3.31 19.51 -21.44
C LEU B 145 2.67 18.82 -22.65
N LYS B 146 3.47 18.32 -23.58
CA LYS B 146 2.91 17.58 -24.70
C LYS B 146 3.01 16.06 -24.47
N GLY B 147 2.31 15.64 -23.43
CA GLY B 147 1.95 14.24 -23.27
C GLY B 147 0.52 14.02 -23.73
N GLU B 148 -0.22 13.22 -22.97
CA GLU B 148 -1.65 13.06 -23.23
C GLU B 148 -2.42 13.81 -22.16
N ASP B 149 -3.71 14.01 -22.42
CA ASP B 149 -4.43 15.10 -21.73
C ASP B 149 -4.32 14.99 -20.22
N ILE B 150 -4.29 13.77 -19.68
CA ILE B 150 -4.21 13.61 -18.23
C ILE B 150 -2.86 14.09 -17.69
N GLN B 151 -1.79 13.90 -18.48
CA GLN B 151 -0.49 14.45 -18.13
C GLN B 151 -0.43 15.94 -18.41
N LYS B 152 -1.01 16.35 -19.54
CA LYS B 152 -1.08 17.76 -19.91
C LYS B 152 -1.74 18.58 -18.78
N ARG B 153 -2.83 18.07 -18.20
CA ARG B 153 -3.46 18.81 -17.11
C ARG B 153 -2.56 18.88 -15.89
N ALA B 154 -1.70 17.88 -15.70
CA ALA B 154 -0.84 17.86 -14.52
C ALA B 154 0.30 18.85 -14.64
N VAL B 155 0.74 19.11 -15.88
CA VAL B 155 1.82 20.05 -16.09
C VAL B 155 1.32 21.49 -15.97
N ILE B 156 0.12 21.77 -16.50
CA ILE B 156 -0.45 23.10 -16.36
C ILE B 156 -0.63 23.46 -14.90
N GLN B 157 -1.11 22.52 -14.09
CA GLN B 157 -1.34 22.80 -12.66
C GLN B 157 -0.04 23.07 -11.93
N ALA B 158 1.06 22.47 -12.35
CA ALA B 158 2.34 22.75 -11.72
C ALA B 158 2.80 24.18 -12.04
N PHE B 159 2.63 24.62 -13.29
CA PHE B 159 2.91 26.01 -13.61
C PHE B 159 1.97 26.94 -12.86
N CYS B 160 0.71 26.54 -12.71
CA CYS B 160 -0.28 27.37 -12.05
C CYS B 160 0.03 27.53 -10.56
N ARG B 161 0.48 26.44 -9.92
CA ARG B 161 0.75 26.42 -8.49
C ARG B 161 2.14 26.92 -8.15
N LEU B 162 3.15 26.56 -8.96
CA LEU B 162 4.48 27.14 -8.83
C LEU B 162 4.48 28.64 -9.13
N GLY B 163 3.50 29.13 -9.90
CA GLY B 163 3.39 30.54 -10.22
C GLY B 163 4.42 31.00 -11.24
N VAL B 164 4.38 30.41 -12.43
CA VAL B 164 5.40 30.62 -13.46
C VAL B 164 4.79 31.29 -14.69
N PRO B 165 4.96 32.60 -14.85
CA PRO B 165 4.36 33.29 -16.00
C PRO B 165 5.23 33.24 -17.27
N GLY B 166 6.43 32.68 -17.21
CA GLY B 166 7.23 32.60 -18.43
C GLY B 166 6.59 31.72 -19.49
N VAL B 167 5.95 30.62 -19.07
CA VAL B 167 5.35 29.66 -20.00
C VAL B 167 3.94 30.10 -20.44
N ILE B 168 3.62 31.39 -20.25
CA ILE B 168 2.25 31.84 -20.51
C ILE B 168 1.88 31.71 -21.98
N ASN B 169 2.86 31.84 -22.88
CA ASN B 169 2.65 31.70 -24.33
C ASN B 169 2.19 30.31 -24.73
N SER B 170 2.46 29.31 -23.89
CA SER B 170 2.17 27.90 -24.12
C SER B 170 0.84 27.49 -23.48
N ILE B 171 0.58 27.94 -22.26
CA ILE B 171 -0.65 27.58 -21.56
C ILE B 171 -1.83 28.34 -22.13
N SER B 172 -1.60 29.51 -22.72
CA SER B 172 -2.71 30.33 -23.19
C SER B 172 -3.55 29.64 -24.24
N PRO B 173 -2.99 29.17 -25.37
CA PRO B 173 -3.85 28.56 -26.39
C PRO B 173 -4.48 27.26 -25.93
N LEU B 174 -4.01 26.68 -24.83
CA LEU B 174 -4.68 25.54 -24.22
C LEU B 174 -6.03 25.91 -23.63
N GLN B 175 -6.25 27.19 -23.28
CA GLN B 175 -7.56 27.61 -22.79
C GLN B 175 -8.67 27.14 -23.72
N ASP B 176 -8.32 26.81 -24.97
CA ASP B 176 -9.28 26.37 -25.99
C ASP B 176 -9.07 24.92 -26.42
N ASP B 177 -8.43 24.09 -25.60
CA ASP B 177 -8.35 22.66 -25.91
C ASP B 177 -9.74 22.06 -25.94
N SER B 178 -9.90 20.97 -26.70
CA SER B 178 -11.21 20.36 -26.81
C SER B 178 -11.62 19.63 -25.53
N ASN B 179 -10.65 19.24 -24.69
CA ASN B 179 -10.92 18.58 -23.41
C ASN B 179 -11.13 19.62 -22.30
N PRO B 180 -12.29 19.66 -21.65
CA PRO B 180 -12.47 20.60 -20.53
C PRO B 180 -11.49 20.40 -19.39
N LEU B 181 -10.95 19.19 -19.22
CA LEU B 181 -10.01 18.96 -18.14
C LEU B 181 -8.70 19.70 -18.39
N VAL B 182 -8.29 19.80 -19.67
CA VAL B 182 -7.12 20.60 -20.05
C VAL B 182 -7.48 22.05 -20.17
N ALA B 183 -8.62 22.34 -20.80
CA ALA B 183 -9.02 23.71 -21.04
C ALA B 183 -9.34 24.42 -19.72
N GLY B 184 -10.06 23.75 -18.82
CA GLY B 184 -10.33 24.35 -17.51
C GLY B 184 -9.07 24.68 -16.73
N ALA B 185 -8.12 23.74 -16.67
CA ALA B 185 -6.87 23.95 -15.96
C ALA B 185 -6.11 25.17 -16.47
N ALA B 186 -6.12 25.37 -17.80
CA ALA B 186 -5.39 26.49 -18.42
C ALA B 186 -6.04 27.83 -18.12
N ARG B 187 -7.37 27.86 -18.04
CA ARG B 187 -8.03 29.10 -17.66
C ARG B 187 -7.70 29.47 -16.22
N ALA B 188 -7.61 28.46 -15.35
CA ALA B 188 -7.12 28.67 -14.00
C ALA B 188 -5.73 29.30 -14.02
N TYR B 189 -4.83 28.78 -14.85
CA TYR B 189 -3.50 29.37 -14.94
C TYR B 189 -3.62 30.86 -15.21
N SER B 191 -5.88 32.91 -14.89
CA SER B 191 -6.44 33.66 -13.77
C SER B 191 -5.42 33.78 -12.65
N LYS B 192 -4.73 32.70 -12.32
CA LYS B 192 -3.86 32.73 -11.15
C LYS B 192 -2.53 33.40 -11.42
N VAL B 193 -1.95 33.12 -12.58
CA VAL B 193 -0.59 33.54 -12.94
C VAL B 193 -0.57 34.76 -13.85
N ALA B 194 -1.55 34.87 -14.75
CA ALA B 194 -1.62 35.96 -15.72
C ALA B 194 -2.70 36.99 -15.43
N LEU B 195 -3.53 36.74 -14.44
CA LEU B 195 -4.46 37.74 -13.93
C LEU B 195 -5.54 38.05 -14.95
N GLN B 196 -6.08 37.01 -15.57
CA GLN B 196 -7.23 37.13 -16.45
C GLN B 196 -8.34 36.22 -15.98
N PRO B 197 -9.14 36.67 -15.02
CA PRO B 197 -10.12 35.78 -14.38
C PRO B 197 -11.36 35.49 -15.23
N ASP B 198 -11.34 35.91 -16.49
CA ASP B 198 -12.54 35.88 -17.31
C ASP B 198 -12.75 34.51 -17.93
N GLY B 199 -11.67 33.74 -18.12
CA GLY B 199 -11.81 32.40 -18.65
C GLY B 199 -12.60 31.46 -17.76
N LEU B 200 -12.84 31.84 -16.50
CA LEU B 200 -13.47 30.92 -15.58
C LEU B 200 -14.97 30.77 -15.82
N GLU B 201 -15.60 31.63 -16.63
CA GLU B 201 -17.06 31.58 -16.74
C GLU B 201 -17.50 30.22 -17.22
N VAL B 202 -16.64 29.56 -18.01
CA VAL B 202 -16.90 28.20 -18.48
C VAL B 202 -17.09 27.25 -17.32
N LEU B 203 -16.30 27.42 -16.26
CA LEU B 203 -16.34 26.49 -15.14
C LEU B 203 -17.64 26.58 -14.36
N ILE B 204 -18.39 27.66 -14.48
CA ILE B 204 -19.56 27.86 -13.66
C ILE B 204 -20.68 26.88 -14.03
N PRO B 205 -21.02 26.71 -15.31
CA PRO B 205 -21.92 25.59 -15.67
C PRO B 205 -21.28 24.22 -15.54
N GLN B 206 -19.95 24.13 -15.68
CA GLN B 206 -19.27 22.84 -15.53
C GLN B 206 -19.38 22.31 -14.11
N LEU B 207 -19.69 23.17 -13.13
CA LEU B 207 -19.97 22.72 -11.77
C LEU B 207 -21.23 21.86 -11.69
N VAL B 208 -22.07 21.87 -12.71
CA VAL B 208 -23.23 20.97 -12.72
C VAL B 208 -23.31 20.19 -14.03
N ASP B 209 -22.15 19.87 -14.60
CA ASP B 209 -22.08 19.09 -15.82
C ASP B 209 -22.64 17.69 -15.58
N PRO B 210 -23.21 17.07 -16.61
CA PRO B 210 -23.62 15.65 -16.52
C PRO B 210 -22.47 14.67 -16.34
N ILE B 211 -21.22 15.08 -16.54
CA ILE B 211 -20.06 14.21 -16.42
C ILE B 211 -19.37 14.56 -15.10
N ALA B 212 -19.45 13.62 -14.15
CA ALA B 212 -18.96 13.88 -12.80
C ALA B 212 -17.50 14.28 -12.78
N GLY B 213 -16.70 13.76 -13.71
CA GLY B 213 -15.30 14.12 -13.76
C GLY B 213 -15.09 15.58 -14.07
N ARG B 214 -16.00 16.16 -14.83
CA ARG B 214 -15.89 17.58 -15.13
C ARG B 214 -16.40 18.41 -13.97
N ARG B 215 -17.47 17.97 -13.29
CA ARG B 215 -17.93 18.69 -12.11
C ARG B 215 -16.81 18.82 -11.10
N ARG B 216 -16.12 17.71 -10.86
CA ARG B 216 -15.01 17.69 -9.92
C ARG B 216 -13.81 18.50 -10.42
N SER B 217 -13.48 18.40 -11.71
CA SER B 217 -12.40 19.21 -12.27
C SER B 217 -12.65 20.69 -12.01
N ALA B 218 -13.87 21.16 -12.28
CA ALA B 218 -14.14 22.60 -12.18
C ALA B 218 -13.92 23.13 -10.77
N VAL B 219 -14.37 22.39 -9.75
CA VAL B 219 -14.09 22.80 -8.37
C VAL B 219 -12.60 22.97 -8.16
N ILE B 220 -11.82 21.97 -8.58
CA ILE B 220 -10.38 22.01 -8.38
C ILE B 220 -9.82 23.26 -9.02
N ASP B 221 -10.25 23.58 -10.23
CA ASP B 221 -9.64 24.67 -10.96
C ASP B 221 -10.03 26.02 -10.36
N LEU B 222 -11.28 26.16 -9.92
CA LEU B 222 -11.73 27.43 -9.40
C LEU B 222 -11.00 27.80 -8.10
N GLY B 223 -10.47 26.81 -7.39
CA GLY B 223 -9.61 27.07 -6.26
C GLY B 223 -8.22 27.38 -6.74
N ASP B 224 -7.81 26.73 -7.84
CA ASP B 224 -6.52 27.04 -8.44
C ASP B 224 -6.45 28.44 -9.04
N ALA B 225 -7.61 29.07 -9.32
CA ALA B 225 -7.68 30.36 -10.00
C ALA B 225 -7.51 31.57 -9.10
N GLY B 226 -7.57 31.43 -7.78
CA GLY B 226 -7.37 32.57 -6.89
C GLY B 226 -8.28 33.77 -7.17
N ASP B 227 -9.46 33.51 -7.69
CA ASP B 227 -10.44 34.57 -7.94
C ASP B 227 -11.61 34.39 -6.98
N VAL B 228 -11.57 35.12 -5.86
CA VAL B 228 -12.52 34.90 -4.79
C VAL B 228 -13.98 35.23 -5.16
N THR B 229 -14.25 35.86 -6.32
CA THR B 229 -15.65 36.09 -6.72
C THR B 229 -16.31 34.80 -7.24
N ARG B 230 -15.56 33.71 -7.35
CA ARG B 230 -16.07 32.39 -7.69
C ARG B 230 -16.51 31.60 -6.47
N LEU B 231 -16.25 32.11 -5.28
CA LEU B 231 -16.63 31.42 -4.06
C LEU B 231 -18.12 31.13 -4.03
N GLU B 232 -18.96 32.10 -4.44
CA GLU B 232 -20.38 31.85 -4.29
C GLU B 232 -20.82 30.66 -5.12
N ALA B 233 -20.10 30.37 -6.21
CA ALA B 233 -20.44 29.20 -7.03
C ALA B 233 -20.12 27.88 -6.32
N LEU B 234 -19.01 27.84 -5.57
CA LEU B 234 -18.60 26.58 -4.92
C LEU B 234 -19.58 26.14 -3.84
N VAL B 235 -20.31 27.09 -3.23
CA VAL B 235 -21.22 26.78 -2.11
C VAL B 235 -22.25 25.73 -2.49
N THR B 236 -22.66 25.69 -3.76
CA THR B 236 -23.78 24.87 -4.16
C THR B 236 -23.40 23.85 -5.22
N ALA B 237 -22.15 23.71 -5.50
CA ALA B 237 -21.76 22.79 -6.53
C ALA B 237 -22.03 21.38 -6.03
N PRO B 238 -22.71 20.55 -6.79
CA PRO B 238 -22.91 19.16 -6.36
C PRO B 238 -21.63 18.37 -6.41
N VAL B 239 -20.69 18.66 -5.50
CA VAL B 239 -19.43 17.97 -5.40
C VAL B 239 -19.16 17.75 -3.90
N SER B 240 -18.29 16.79 -3.59
CA SER B 240 -17.90 16.52 -2.21
C SER B 240 -17.48 17.80 -1.50
N SER B 242 -15.58 18.22 0.79
CA SER B 242 -14.14 18.21 1.03
C SER B 242 -13.37 18.91 -0.09
N LEU B 243 -13.76 18.67 -1.34
CA LEU B 243 -13.14 19.33 -2.49
C LEU B 243 -13.51 20.83 -2.53
N ARG B 244 -14.79 21.14 -2.36
CA ARG B 244 -15.24 22.53 -2.40
C ARG B 244 -14.59 23.39 -1.32
N ALA B 245 -14.56 22.92 -0.08
CA ALA B 245 -13.93 23.73 0.95
C ALA B 245 -12.47 24.02 0.63
N ARG B 246 -11.69 22.99 0.29
CA ARG B 246 -10.28 23.20 -0.03
C ARG B 246 -10.13 24.30 -1.06
N SER B 247 -10.91 24.21 -2.15
CA SER B 247 -10.85 25.25 -3.15
C SER B 247 -11.38 26.58 -2.60
N ALA B 248 -12.39 26.55 -1.71
CA ALA B 248 -12.95 27.79 -1.15
C ALA B 248 -12.01 28.46 -0.14
N PHE B 249 -11.27 27.67 0.63
CA PHE B 249 -10.27 28.24 1.53
C PHE B 249 -9.03 28.67 0.76
N GLN B 250 -8.73 28.02 -0.37
CA GLN B 250 -7.73 28.52 -1.31
C GLN B 250 -8.11 29.91 -1.86
N LEU B 251 -9.40 30.25 -1.85
CA LEU B 251 -9.83 31.56 -2.26
C LEU B 251 -9.90 32.55 -1.12
N VAL B 252 -10.30 32.13 0.08
CA VAL B 252 -10.52 33.12 1.14
C VAL B 252 -9.27 33.31 1.99
N ASP B 253 -8.48 32.26 2.16
CA ASP B 253 -7.31 32.27 3.03
C ASP B 253 -6.15 31.61 2.32
N PRO B 254 -5.56 32.30 1.34
CA PRO B 254 -4.57 31.63 0.49
C PRO B 254 -3.33 31.20 1.27
N ASP B 255 -3.03 31.86 2.38
CA ASP B 255 -1.83 31.61 3.17
C ASP B 255 -2.05 30.69 4.35
N LYS B 256 -3.20 30.01 4.39
CA LYS B 256 -3.52 29.03 5.44
C LYS B 256 -3.35 29.60 6.85
N THR B 257 -3.74 30.88 7.02
CA THR B 257 -3.71 31.54 8.32
C THR B 257 -4.92 31.21 9.17
N CYS B 258 -5.79 30.34 8.66
CA CYS B 258 -7.00 29.85 9.33
C CYS B 258 -7.85 31.00 9.88
N GLN B 259 -7.92 32.09 9.12
CA GLN B 259 -8.81 33.21 9.43
C GLN B 259 -9.57 33.52 8.14
N VAL B 260 -10.89 33.27 8.14
CA VAL B 260 -11.73 33.59 6.99
C VAL B 260 -12.29 34.98 7.30
N PRO B 261 -12.27 35.90 6.36
CA PRO B 261 -12.82 37.23 6.64
C PRO B 261 -14.33 37.18 6.86
N GLU B 262 -14.78 37.93 7.85
CA GLU B 262 -16.22 38.03 8.06
C GLU B 262 -16.96 38.61 6.84
N LYS B 263 -16.24 39.16 5.86
CA LYS B 263 -16.91 39.48 4.61
C LYS B 263 -17.46 38.23 3.94
N TYR B 264 -16.80 37.10 4.14
CA TYR B 264 -17.16 35.83 3.53
C TYR B 264 -17.79 34.82 4.49
N ALA B 265 -17.88 35.14 5.78
CA ALA B 265 -18.29 34.14 6.75
C ALA B 265 -19.61 33.48 6.38
N GLU B 266 -20.51 34.20 5.72
CA GLU B 266 -21.79 33.60 5.37
C GLU B 266 -21.63 32.57 4.30
N LEU B 267 -20.77 32.83 3.32
CA LEU B 267 -20.64 31.91 2.21
C LEU B 267 -19.80 30.68 2.57
N ILE B 268 -18.82 30.82 3.47
CA ILE B 268 -18.03 29.66 3.92
C ILE B 268 -18.79 28.78 4.91
N THR B 269 -19.66 29.37 5.73
CA THR B 269 -20.47 28.59 6.66
C THR B 269 -21.43 27.67 5.92
N GLN B 270 -22.11 28.20 4.88
CA GLN B 270 -23.10 27.40 4.17
C GLN B 270 -22.46 26.31 3.32
N LEU B 271 -21.26 26.55 2.81
CA LEU B 271 -20.54 25.48 2.14
C LEU B 271 -20.23 24.41 3.14
N LEU B 272 -19.77 24.80 4.32
CA LEU B 272 -19.36 23.81 5.29
C LEU B 272 -20.55 23.08 5.91
N GLN B 273 -21.74 23.68 5.88
CA GLN B 273 -22.96 23.05 6.35
C GLN B 273 -23.67 22.18 5.28
N ASP B 274 -23.39 22.41 4.00
CA ASP B 274 -23.61 21.44 2.90
C ASP B 274 -25.01 20.84 2.92
N ASN B 275 -26.01 21.69 2.91
CA ASN B 275 -27.42 21.31 2.87
C ASN B 275 -27.80 20.67 1.53
N PRO B 276 -28.02 19.34 1.46
CA PRO B 276 -28.31 18.73 0.15
C PRO B 276 -29.52 19.29 -0.54
N GLN B 277 -30.39 19.98 0.18
CA GLN B 277 -31.57 20.54 -0.46
C GLN B 277 -31.31 21.92 -1.07
N GLN B 278 -30.15 22.51 -0.82
CA GLN B 278 -29.77 23.81 -1.37
C GLN B 278 -28.54 23.73 -2.27
N LEU B 279 -28.05 22.53 -2.57
CA LEU B 279 -27.13 22.30 -3.67
C LEU B 279 -27.90 22.28 -4.98
N LYS B 280 -27.21 22.59 -6.07
CA LYS B 280 -27.84 22.62 -7.38
C LYS B 280 -27.84 21.22 -7.95
N LEU B 281 -29.00 20.56 -7.91
CA LEU B 281 -29.15 19.16 -8.29
C LEU B 281 -30.12 19.03 -9.45
N ARG B 282 -29.71 18.31 -10.48
CA ARG B 282 -30.58 17.99 -11.60
C ARG B 282 -31.65 16.99 -11.17
N LYS B 283 -32.62 16.75 -12.06
CA LYS B 283 -33.67 15.81 -11.70
C LYS B 283 -33.15 14.37 -11.66
N GLU B 284 -32.21 14.02 -12.54
CA GLU B 284 -31.75 12.63 -12.61
C GLU B 284 -31.07 12.17 -11.33
N TRP B 285 -30.57 13.10 -10.53
CA TRP B 285 -29.88 12.74 -9.30
C TRP B 285 -30.82 12.61 -8.11
N ILE B 286 -31.99 13.23 -8.15
CA ILE B 286 -32.95 13.18 -7.03
C ILE B 286 -33.86 11.97 -7.21
N CYS B 287 -33.78 11.04 -6.26
CA CYS B 287 -34.50 9.78 -6.30
C CYS B 287 -35.82 9.90 -5.56
N ASP B 288 -36.59 8.81 -5.56
CA ASP B 288 -37.90 8.80 -4.92
C ASP B 288 -37.75 8.76 -3.40
N ILE B 289 -38.81 9.18 -2.72
CA ILE B 289 -38.79 9.25 -1.24
C ILE B 289 -39.33 7.90 -0.75
N GLU B 290 -38.48 6.89 -0.85
CA GLU B 290 -38.78 5.54 -0.38
C GLU B 290 -37.50 4.94 0.15
N PRO B 291 -37.58 3.99 1.09
CA PRO B 291 -36.36 3.52 1.76
C PRO B 291 -35.32 2.93 0.80
N THR B 292 -35.73 2.07 -0.13
CA THR B 292 -34.72 1.40 -0.95
C THR B 292 -34.12 2.32 -2.00
N GLU B 293 -34.82 3.39 -2.39
CA GLU B 293 -34.24 4.32 -3.36
C GLU B 293 -33.26 5.27 -2.68
N ILE B 294 -33.63 5.81 -1.51
CA ILE B 294 -32.68 6.55 -0.69
C ILE B 294 -31.40 5.75 -0.48
N GLU B 295 -31.54 4.45 -0.22
CA GLU B 295 -30.35 3.66 0.07
C GLU B 295 -29.52 3.41 -1.17
N ASN B 296 -30.18 3.30 -2.33
CA ASN B 296 -29.41 3.15 -3.57
C ASN B 296 -28.58 4.39 -3.84
N ASN B 297 -29.21 5.56 -3.77
CA ASN B 297 -28.49 6.78 -4.09
C ASN B 297 -27.31 6.99 -3.16
N LEU B 298 -27.50 6.75 -1.87
CA LEU B 298 -26.37 6.94 -0.96
C LEU B 298 -25.25 5.97 -1.27
N GLN B 299 -25.58 4.79 -1.82
CA GLN B 299 -24.56 3.80 -2.08
C GLN B 299 -23.93 3.98 -3.44
N HIS B 300 -24.51 4.86 -4.27
CA HIS B 300 -23.98 5.18 -5.58
C HIS B 300 -22.54 5.68 -5.46
N ARG B 301 -21.78 5.50 -6.54
CA ARG B 301 -20.39 5.90 -6.48
C ARG B 301 -20.23 7.40 -6.59
N ASP B 302 -21.27 8.08 -7.08
CA ASP B 302 -21.17 9.48 -7.48
C ASP B 302 -21.78 10.39 -6.42
N GLU B 303 -21.05 11.44 -6.07
CA GLU B 303 -21.48 12.30 -4.99
C GLU B 303 -22.82 12.99 -5.31
N ALA B 304 -23.06 13.34 -6.59
CA ALA B 304 -24.30 14.00 -6.99
C ALA B 304 -25.53 13.16 -6.67
N ARG B 305 -25.50 11.88 -7.06
CA ARG B 305 -26.55 10.94 -6.67
C ARG B 305 -26.68 10.85 -5.16
N GLN B 306 -25.55 10.79 -4.45
CA GLN B 306 -25.59 10.72 -2.99
C GLN B 306 -26.31 11.93 -2.40
N TYR B 307 -26.07 13.14 -2.94
CA TYR B 307 -26.81 14.27 -2.41
C TYR B 307 -28.31 14.12 -2.68
N GLY B 308 -28.66 13.50 -3.82
CA GLY B 308 -30.07 13.27 -4.13
C GLY B 308 -30.73 12.35 -3.13
N GLY B 309 -30.03 11.31 -2.70
CA GLY B 309 -30.57 10.45 -1.66
C GLY B 309 -30.75 11.19 -0.35
N ALA B 310 -29.68 11.83 0.14
CA ALA B 310 -29.80 12.66 1.32
C ALA B 310 -30.80 13.79 1.13
N SER B 311 -30.94 14.30 -0.10
CA SER B 311 -31.94 15.32 -0.35
C SER B 311 -33.33 14.79 -0.03
N SER B 312 -33.64 13.57 -0.49
CA SER B 312 -35.00 13.04 -0.31
C SER B 312 -35.23 12.42 1.06
N LEU B 313 -34.18 11.92 1.72
CA LEU B 313 -34.35 11.41 3.08
C LEU B 313 -34.83 12.53 4.00
N ALA B 315 -36.74 14.95 3.04
CA ALA B 315 -38.14 15.15 2.67
C ALA B 315 -39.05 14.21 3.43
N PRO B 317 -41.30 12.14 5.77
CA PRO B 317 -41.94 12.47 7.05
C PRO B 317 -41.20 11.87 8.23
N LYS B 318 -41.19 12.62 9.33
CA LYS B 318 -40.21 12.39 10.40
C LYS B 318 -40.29 10.98 10.96
N ALA B 319 -41.50 10.45 11.14
CA ALA B 319 -41.67 9.16 11.79
C ALA B 319 -40.92 8.06 11.04
N GLU B 320 -41.10 7.99 9.71
CA GLU B 320 -40.38 6.98 8.92
C GLU B 320 -38.92 7.33 8.79
N ARG B 321 -38.58 8.62 8.86
CA ARG B 321 -37.18 8.99 8.77
C ARG B 321 -36.39 8.40 9.93
N ILE B 323 -36.71 5.72 11.54
CA ILE B 323 -36.43 4.29 11.32
C ILE B 323 -35.43 4.12 10.18
N LEU B 324 -35.66 4.82 9.07
CA LEU B 324 -34.73 4.74 7.95
C LEU B 324 -33.34 5.16 8.37
N ILE B 325 -33.23 6.25 9.14
CA ILE B 325 -31.93 6.65 9.66
C ILE B 325 -31.31 5.51 10.45
N ASN B 326 -32.10 4.86 11.32
CA ASN B 326 -31.51 3.83 12.16
C ASN B 326 -31.06 2.62 11.35
N GLU B 327 -31.90 2.13 10.43
CA GLU B 327 -31.52 0.94 9.67
C GLU B 327 -30.32 1.24 8.77
N ILE B 328 -30.32 2.38 8.08
CA ILE B 328 -29.16 2.78 7.29
C ILE B 328 -27.93 2.88 8.18
N LYS B 329 -28.08 3.40 9.39
CA LYS B 329 -26.93 3.54 10.27
C LYS B 329 -26.37 2.17 10.66
N GLU B 330 -27.23 1.28 11.17
CA GLU B 330 -26.73 0.00 11.63
C GLU B 330 -26.19 -0.87 10.48
N LYS B 331 -26.55 -0.55 9.25
CA LYS B 331 -26.06 -1.27 8.09
C LYS B 331 -24.75 -0.69 7.57
N LEU B 332 -24.61 0.64 7.56
CA LEU B 332 -23.55 1.24 6.76
C LEU B 332 -22.78 2.33 7.49
N TRP B 333 -22.82 2.34 8.83
CA TRP B 333 -22.16 3.40 9.59
C TRP B 333 -20.65 3.43 9.34
N SER B 334 -20.03 2.28 9.03
CA SER B 334 -18.59 2.29 8.77
C SER B 334 -18.25 2.82 7.38
N ASP B 335 -19.22 2.87 6.47
CA ASP B 335 -18.99 3.52 5.18
C ASP B 335 -18.80 5.00 5.40
N TYR B 336 -17.57 5.51 5.19
CA TYR B 336 -17.29 6.93 5.44
C TYR B 336 -18.23 7.85 4.65
N VAL B 337 -18.69 7.40 3.50
CA VAL B 337 -19.66 8.17 2.73
C VAL B 337 -20.98 8.26 3.47
N THR B 338 -21.55 7.11 3.84
CA THR B 338 -22.83 7.07 4.54
C THR B 338 -22.73 7.69 5.93
N HIS B 339 -21.58 7.52 6.61
CA HIS B 339 -21.33 8.10 7.92
C HIS B 339 -21.43 9.63 7.90
N TYR B 340 -21.07 10.24 6.78
CA TYR B 340 -21.17 11.69 6.67
C TYR B 340 -22.60 12.14 6.42
N TYR B 341 -23.29 11.50 5.47
CA TYR B 341 -24.63 11.98 5.12
C TYR B 341 -25.61 11.71 6.23
N LEU B 342 -25.37 10.68 7.05
CA LEU B 342 -26.18 10.52 8.25
C LEU B 342 -25.94 11.67 9.23
N THR B 343 -24.68 11.91 9.58
CA THR B 343 -24.38 12.99 10.53
C THR B 343 -24.98 14.32 10.09
N ALA B 344 -24.85 14.65 8.81
CA ALA B 344 -25.40 15.89 8.31
C ALA B 344 -26.90 15.94 8.53
N VAL B 345 -27.61 14.89 8.12
CA VAL B 345 -29.06 14.95 8.17
C VAL B 345 -29.54 15.14 9.61
N VAL B 346 -28.92 14.41 10.55
CA VAL B 346 -29.27 14.56 11.97
C VAL B 346 -28.99 15.98 12.44
N GLY B 347 -27.83 16.52 12.06
CA GLY B 347 -27.51 17.86 12.46
C GLY B 347 -28.25 18.91 11.68
N LEU B 348 -28.43 18.70 10.39
CA LEU B 348 -29.05 19.76 9.59
C LEU B 348 -30.51 19.93 9.96
N GLN B 349 -31.22 18.83 10.13
CA GLN B 349 -32.62 18.96 10.44
C GLN B 349 -32.88 19.14 11.92
N GLY B 350 -31.85 19.03 12.75
CA GLY B 350 -32.04 19.22 14.17
C GLY B 350 -32.83 18.10 14.79
N LEU B 351 -32.54 16.86 14.40
CA LEU B 351 -33.21 15.69 14.96
C LEU B 351 -32.56 15.36 16.30
N GLU B 352 -33.10 15.92 17.38
CA GLU B 352 -32.55 15.65 18.70
C GLU B 352 -32.65 14.18 19.07
N GLU B 353 -33.59 13.44 18.45
CA GLU B 353 -33.76 12.04 18.80
C GLU B 353 -32.52 11.22 18.50
N ARG B 354 -31.70 11.64 17.55
CA ARG B 354 -30.44 10.96 17.25
C ARG B 354 -29.23 11.82 17.64
N SER B 355 -29.30 12.44 18.81
CA SER B 355 -28.15 13.16 19.33
C SER B 355 -26.90 12.30 19.45
N ASP B 356 -27.06 10.98 19.50
CA ASP B 356 -25.94 10.06 19.69
C ASP B 356 -25.03 9.98 18.47
N LEU B 357 -25.59 10.19 17.28
CA LEU B 357 -24.78 10.23 16.07
C LEU B 357 -23.95 11.50 16.01
N ILE B 358 -24.49 12.60 16.51
CA ILE B 358 -23.76 13.85 16.50
C ILE B 358 -22.57 13.78 17.43
N ARG B 359 -22.73 13.13 18.58
CA ARG B 359 -21.60 13.04 19.50
C ARG B 359 -20.62 11.97 19.05
N LEU B 360 -21.13 10.83 18.54
CA LEU B 360 -20.26 9.77 18.02
C LEU B 360 -19.39 10.29 16.89
N ALA B 361 -20.03 10.96 15.93
CA ALA B 361 -19.30 11.44 14.77
C ALA B 361 -18.24 12.46 15.15
N LEU B 362 -18.57 13.38 16.07
CA LEU B 362 -17.57 14.37 16.47
C LEU B 362 -16.37 13.70 17.11
N ALA B 363 -16.59 12.57 17.79
CA ALA B 363 -15.48 11.86 18.40
C ALA B 363 -14.70 11.00 17.41
N GLU B 364 -15.14 10.88 16.16
CA GLU B 364 -14.48 9.97 15.22
C GLU B 364 -13.08 10.47 14.92
N THR B 365 -12.09 9.74 15.41
CA THR B 365 -10.69 10.11 15.30
C THR B 365 -10.01 9.51 14.07
N ILE B 366 -10.66 8.56 13.40
CA ILE B 366 -10.13 7.96 12.16
C ILE B 366 -10.21 8.99 11.04
N PRO B 367 -9.11 9.25 10.32
CA PRO B 367 -9.10 10.39 9.41
C PRO B 367 -10.14 10.33 8.33
N GLN B 368 -10.51 9.14 7.86
CA GLN B 368 -11.43 8.99 6.73
C GLN B 368 -12.77 9.67 6.98
N TYR B 369 -13.24 9.69 8.23
CA TYR B 369 -14.53 10.26 8.56
C TYR B 369 -14.44 11.74 8.92
N THR B 370 -13.46 12.47 8.39
CA THR B 370 -13.27 13.84 8.86
C THR B 370 -14.45 14.74 8.50
N LYS B 371 -14.99 14.62 7.28
CA LYS B 371 -16.12 15.48 6.95
C LYS B 371 -17.24 15.34 7.95
N SER B 372 -17.37 14.17 8.57
CA SER B 372 -18.48 14.01 9.49
C SER B 372 -18.30 14.88 10.71
N ARG B 373 -17.05 15.09 11.15
CA ARG B 373 -16.84 16.00 12.27
C ARG B 373 -17.35 17.40 11.97
N ILE B 374 -17.12 17.90 10.75
CA ILE B 374 -17.69 19.18 10.34
C ILE B 374 -19.20 19.15 10.50
N ALA B 375 -19.83 18.13 9.94
CA ALA B 375 -21.28 18.00 10.03
C ALA B 375 -21.74 17.85 11.47
N ALA B 376 -20.94 17.16 12.30
CA ALA B 376 -21.31 16.99 13.71
C ALA B 376 -21.11 18.29 14.48
N ALA B 377 -20.04 19.03 14.15
CA ALA B 377 -19.79 20.32 14.79
C ALA B 377 -20.91 21.31 14.52
N TRP B 378 -21.45 21.33 13.30
CA TRP B 378 -22.63 22.16 13.05
C TRP B 378 -23.85 21.63 13.80
N GLY B 379 -23.89 20.33 14.08
CA GLY B 379 -24.99 19.77 14.82
C GLY B 379 -24.98 20.16 16.28
N CYS B 380 -23.78 20.33 16.85
CA CYS B 380 -23.69 20.75 18.25
C CYS B 380 -24.24 22.15 18.45
N LEU B 381 -24.02 23.04 17.48
CA LEU B 381 -24.64 24.36 17.55
C LEU B 381 -26.15 24.26 17.38
N ARG B 382 -26.58 23.61 16.29
CA ARG B 382 -28.00 23.50 16.00
C ARG B 382 -28.73 22.81 17.15
N LEU B 383 -28.13 21.79 17.72
CA LEU B 383 -28.77 21.07 18.82
C LEU B 383 -28.48 21.72 20.16
N GLY B 384 -27.57 22.67 20.23
CA GLY B 384 -27.26 23.24 21.52
C GLY B 384 -26.57 22.27 22.46
N LEU B 385 -25.68 21.42 21.93
CA LEU B 385 -24.99 20.40 22.71
C LEU B 385 -23.74 20.97 23.40
N VAL B 386 -23.98 21.81 24.41
CA VAL B 386 -22.92 22.51 25.11
C VAL B 386 -21.95 21.55 25.82
N ASP B 387 -22.36 20.29 26.01
CA ASP B 387 -21.44 19.32 26.63
C ASP B 387 -20.24 19.00 25.76
N GLN B 388 -20.36 19.16 24.45
CA GLN B 388 -19.27 18.84 23.55
C GLN B 388 -18.22 19.94 23.49
N LYS B 389 -18.45 21.07 24.14
CA LYS B 389 -17.51 22.19 24.09
C LYS B 389 -16.07 21.80 24.43
N PRO B 390 -15.79 20.99 25.46
CA PRO B 390 -14.41 20.55 25.68
C PRO B 390 -13.78 19.84 24.49
N LEU B 391 -14.58 19.25 23.59
CA LEU B 391 -14.06 18.61 22.39
C LEU B 391 -13.99 19.57 21.20
N LEU B 392 -14.92 20.53 21.11
CA LEU B 392 -14.78 21.57 20.10
C LEU B 392 -13.54 22.41 20.35
N GLU B 393 -13.31 22.77 21.62
CA GLU B 393 -12.12 23.54 21.99
C GLU B 393 -10.84 22.79 21.60
N GLU B 394 -10.86 21.47 21.70
CA GLU B 394 -9.71 20.67 21.32
C GLU B 394 -9.43 20.81 19.83
N LEU B 395 -10.48 20.62 19.00
CA LEU B 395 -10.31 20.73 17.56
C LEU B 395 -10.04 22.17 17.15
N SER B 396 -10.72 23.13 17.79
CA SER B 396 -10.54 24.54 17.49
C SER B 396 -9.08 24.98 17.57
N VAL B 397 -8.25 24.21 18.27
CA VAL B 397 -6.85 24.55 18.44
C VAL B 397 -5.90 23.55 17.79
N SER B 398 -6.32 22.29 17.64
CA SER B 398 -5.41 21.26 17.15
C SER B 398 -5.91 20.50 15.92
N ALA B 399 -7.11 20.76 15.43
CA ALA B 399 -7.59 20.03 14.25
C ALA B 399 -6.69 20.30 13.06
N PHE B 400 -6.21 19.22 12.45
CA PHE B 400 -5.17 19.33 11.42
C PHE B 400 -5.73 19.98 10.16
N TRP B 401 -6.94 19.60 9.76
CA TRP B 401 -7.55 20.07 8.52
C TRP B 401 -8.18 21.43 8.76
N LEU B 402 -7.74 22.43 8.00
CA LEU B 402 -8.16 23.81 8.30
C LEU B 402 -9.67 23.99 8.36
N PRO B 403 -10.46 23.52 7.39
CA PRO B 403 -11.91 23.77 7.47
C PRO B 403 -12.52 23.16 8.71
N LEU B 404 -11.92 22.08 9.23
CA LEU B 404 -12.44 21.52 10.46
C LEU B 404 -12.05 22.43 11.62
N LYS B 405 -10.78 22.82 11.68
CA LYS B 405 -10.34 23.76 12.71
C LYS B 405 -11.18 25.02 12.67
N TRP B 406 -11.52 25.49 11.46
CA TRP B 406 -12.25 26.74 11.35
C TRP B 406 -13.73 26.58 11.75
N THR B 407 -14.30 25.40 11.52
CA THR B 407 -15.70 25.19 11.84
C THR B 407 -15.93 25.12 13.34
N CYS B 408 -15.08 24.39 14.08
CA CYS B 408 -15.24 24.28 15.53
C CYS B 408 -15.07 25.62 16.20
N GLN B 409 -14.13 26.43 15.72
CA GLN B 409 -13.96 27.79 16.23
C GLN B 409 -15.24 28.61 16.04
N ARG B 410 -15.88 28.48 14.89
CA ARG B 410 -17.11 29.21 14.61
C ARG B 410 -18.23 28.82 15.57
N VAL B 411 -18.34 27.50 15.87
CA VAL B 411 -19.42 26.96 16.72
C VAL B 411 -19.24 27.40 18.17
N LEU B 412 -18.01 27.30 18.69
CA LEU B 412 -17.71 27.69 20.06
C LEU B 412 -18.07 29.15 20.33
N LYS B 413 -17.74 30.04 19.40
CA LYS B 413 -18.01 31.45 19.63
C LYS B 413 -19.50 31.75 19.56
N GLN B 414 -20.32 30.83 19.05
CA GLN B 414 -21.74 31.07 18.92
C GLN B 414 -22.61 30.09 19.70
N LEU B 415 -22.01 29.15 20.44
CA LEU B 415 -22.72 28.41 21.49
C LEU B 415 -22.71 29.17 22.81
N SER B 416 -22.08 30.35 22.84
CA SER B 416 -21.92 31.20 24.03
C SER B 416 -22.89 32.39 24.04
#